data_6FS5
#
_entry.id   6FS5
#
_entity_poly.entity_id   1
_entity_poly.type   'polypeptide(L)'
_entity_poly.pdbx_seq_one_letter_code
;KTKLTEEEKNRLNFLKKISQRYQKFALPQYLKTVYQHQK
;
_entity_poly.pdbx_strand_id   A
#
# COMPACT_ATOMS: atom_id res chain seq x y z
N LYS A 1 -12.59 21.47 -13.19
CA LYS A 1 -12.84 20.29 -14.00
C LYS A 1 -14.14 19.60 -13.56
N THR A 2 -14.59 18.63 -14.34
CA THR A 2 -15.81 17.90 -14.03
C THR A 2 -15.59 16.39 -14.13
N LYS A 3 -16.60 15.62 -13.73
CA LYS A 3 -16.52 14.17 -13.79
C LYS A 3 -15.29 13.66 -13.03
N LEU A 4 -15.00 14.28 -11.90
CA LEU A 4 -13.85 13.90 -11.09
C LEU A 4 -14.28 13.05 -9.89
N THR A 5 -15.45 13.36 -9.34
CA THR A 5 -15.98 12.64 -8.20
C THR A 5 -15.98 11.14 -8.46
N GLU A 6 -16.13 10.76 -9.73
CA GLU A 6 -16.14 9.35 -10.11
C GLU A 6 -14.72 8.80 -10.18
N GLU A 7 -13.88 9.44 -10.98
CA GLU A 7 -12.49 9.02 -11.14
C GLU A 7 -11.76 9.00 -9.81
N GLU A 8 -12.24 9.82 -8.87
CA GLU A 8 -11.64 9.89 -7.54
C GLU A 8 -11.84 8.60 -6.77
N LYS A 9 -13.10 8.26 -6.53
CA LYS A 9 -13.44 7.04 -5.80
C LYS A 9 -12.77 5.82 -6.42
N ASN A 10 -12.57 5.88 -7.73
CA ASN A 10 -11.93 4.77 -8.45
C ASN A 10 -10.46 4.66 -8.05
N ARG A 11 -9.84 5.80 -7.77
CA ARG A 11 -8.44 5.82 -7.37
C ARG A 11 -8.26 5.31 -5.94
N LEU A 12 -9.18 5.71 -5.07
CA LEU A 12 -9.13 5.30 -3.67
C LEU A 12 -8.95 3.80 -3.55
N ASN A 13 -9.87 3.06 -4.16
CA ASN A 13 -9.82 1.59 -4.11
C ASN A 13 -8.44 1.09 -4.51
N PHE A 14 -7.81 1.79 -5.45
CA PHE A 14 -6.47 1.40 -5.92
C PHE A 14 -5.45 1.51 -4.80
N LEU A 15 -5.15 2.74 -4.39
CA LEU A 15 -4.19 2.98 -3.31
C LEU A 15 -4.50 2.12 -2.09
N LYS A 16 -5.78 1.86 -1.87
CA LYS A 16 -6.22 1.04 -0.75
C LYS A 16 -5.65 -0.37 -0.84
N LYS A 17 -5.82 -0.99 -1.99
CA LYS A 17 -5.31 -2.34 -2.21
C LYS A 17 -3.81 -2.33 -2.47
N ILE A 18 -3.30 -1.18 -2.91
CA ILE A 18 -1.87 -1.03 -3.19
C ILE A 18 -1.05 -1.11 -1.91
N SER A 19 -1.33 -0.20 -0.98
CA SER A 19 -0.61 -0.16 0.29
C SER A 19 -0.91 -1.40 1.13
N GLN A 20 -1.94 -2.14 0.73
CA GLN A 20 -2.34 -3.35 1.44
C GLN A 20 -1.58 -4.56 0.91
N ARG A 21 -1.56 -4.70 -0.42
CA ARG A 21 -0.86 -5.82 -1.05
C ARG A 21 0.64 -5.59 -1.07
N TYR A 22 1.04 -4.38 -1.48
CA TYR A 22 2.46 -4.04 -1.54
C TYR A 22 3.14 -4.30 -0.21
N GLN A 23 2.55 -3.79 0.86
CA GLN A 23 3.12 -3.96 2.20
C GLN A 23 2.99 -5.42 2.66
N LYS A 24 2.32 -6.23 1.85
CA LYS A 24 2.12 -7.63 2.17
C LYS A 24 2.91 -8.52 1.20
N PHE A 25 3.55 -7.91 0.22
CA PHE A 25 4.33 -8.64 -0.76
C PHE A 25 5.70 -7.98 -0.98
N ALA A 26 5.97 -6.95 -0.19
CA ALA A 26 7.24 -6.23 -0.29
C ALA A 26 8.11 -6.47 0.94
N LEU A 27 7.82 -5.75 2.02
CA LEU A 27 8.57 -5.89 3.25
C LEU A 27 10.08 -5.83 2.99
N PRO A 28 10.54 -4.72 2.40
CA PRO A 28 11.95 -4.52 2.08
C PRO A 28 12.80 -4.32 3.33
N GLN A 29 12.23 -3.67 4.33
CA GLN A 29 12.95 -3.42 5.58
C GLN A 29 12.22 -4.06 6.76
N TYR A 30 10.95 -4.40 6.55
CA TYR A 30 10.14 -5.02 7.60
C TYR A 30 10.78 -6.32 8.08
N LEU A 31 10.98 -7.25 7.14
CA LEU A 31 11.58 -8.53 7.47
C LEU A 31 13.10 -8.44 7.46
N LYS A 32 13.62 -7.24 7.30
CA LYS A 32 15.05 -7.00 7.28
C LYS A 32 15.54 -6.43 8.60
N THR A 33 14.70 -5.58 9.21
CA THR A 33 15.05 -4.96 10.49
C THR A 33 14.44 -5.73 11.66
N VAL A 34 13.25 -6.27 11.44
CA VAL A 34 12.56 -7.04 12.47
C VAL A 34 13.24 -8.39 12.71
N TYR A 35 13.82 -8.94 11.66
CA TYR A 35 14.51 -10.22 11.74
C TYR A 35 15.81 -10.09 12.52
N GLN A 36 16.36 -8.88 12.57
CA GLN A 36 17.60 -8.62 13.27
C GLN A 36 17.33 -8.04 14.65
N HIS A 37 16.35 -7.15 14.73
CA HIS A 37 15.99 -6.51 16.00
C HIS A 37 15.21 -7.48 16.89
N GLN A 38 14.01 -7.86 16.44
CA GLN A 38 13.17 -8.78 17.20
C GLN A 38 13.90 -10.08 17.47
N LYS A 39 14.06 -10.42 18.75
CA LYS A 39 14.74 -11.64 19.15
C LYS A 39 13.74 -12.65 19.70
N LYS A 1 -18.78 18.63 -11.63
CA LYS A 1 -17.80 19.33 -12.44
C LYS A 1 -16.78 18.35 -13.03
N THR A 2 -16.81 18.20 -14.35
CA THR A 2 -15.90 17.29 -15.04
C THR A 2 -16.08 15.85 -14.55
N LYS A 3 -15.40 14.92 -15.20
CA LYS A 3 -15.49 13.51 -14.84
C LYS A 3 -14.31 13.11 -13.96
N LEU A 4 -13.91 14.02 -13.07
CA LEU A 4 -12.80 13.76 -12.16
C LEU A 4 -13.29 13.10 -10.87
N THR A 5 -14.48 13.49 -10.43
CA THR A 5 -15.06 12.95 -9.21
C THR A 5 -15.07 11.42 -9.25
N GLU A 6 -15.65 10.86 -10.31
CA GLU A 6 -15.73 9.42 -10.46
C GLU A 6 -14.33 8.81 -10.55
N GLU A 7 -13.51 9.36 -11.42
CA GLU A 7 -12.14 8.87 -11.61
C GLU A 7 -11.36 8.91 -10.29
N GLU A 8 -11.82 9.77 -9.38
CA GLU A 8 -11.17 9.90 -8.08
C GLU A 8 -11.41 8.67 -7.21
N LYS A 9 -12.67 8.40 -6.91
CA LYS A 9 -13.04 7.25 -6.10
C LYS A 9 -12.45 5.97 -6.66
N ASN A 10 -12.24 5.94 -7.97
CA ASN A 10 -11.68 4.78 -8.64
C ASN A 10 -10.20 4.61 -8.28
N ARG A 11 -9.51 5.73 -8.07
CA ARG A 11 -8.11 5.72 -7.72
C ARG A 11 -7.91 5.30 -6.27
N LEU A 12 -8.79 5.79 -5.39
CA LEU A 12 -8.71 5.48 -3.97
C LEU A 12 -8.58 3.97 -3.75
N ASN A 13 -9.54 3.22 -4.29
CA ASN A 13 -9.53 1.76 -4.16
C ASN A 13 -8.17 1.19 -4.55
N PHE A 14 -7.54 1.80 -5.54
CA PHE A 14 -6.24 1.34 -6.01
C PHE A 14 -5.19 1.48 -4.91
N LEU A 15 -4.84 2.73 -4.58
CA LEU A 15 -3.84 3.00 -3.55
C LEU A 15 -4.17 2.23 -2.27
N LYS A 16 -5.45 2.03 -2.02
CA LYS A 16 -5.90 1.31 -0.83
C LYS A 16 -5.38 -0.12 -0.83
N LYS A 17 -5.58 -0.81 -1.95
CA LYS A 17 -5.13 -2.19 -2.09
C LYS A 17 -3.63 -2.25 -2.37
N ILE A 18 -3.09 -1.15 -2.88
CA ILE A 18 -1.66 -1.07 -3.21
C ILE A 18 -0.82 -1.09 -1.94
N SER A 19 -1.05 -0.11 -1.06
CA SER A 19 -0.31 -0.02 0.19
C SER A 19 -0.63 -1.20 1.11
N GLN A 20 -1.70 -1.91 0.78
CA GLN A 20 -2.11 -3.06 1.57
C GLN A 20 -1.44 -4.34 1.08
N ARG A 21 -1.46 -4.55 -0.24
CA ARG A 21 -0.85 -5.72 -0.83
C ARG A 21 0.67 -5.59 -0.90
N TYR A 22 1.13 -4.43 -1.36
CA TYR A 22 2.55 -4.17 -1.48
C TYR A 22 3.26 -4.40 -0.15
N GLN A 23 2.73 -3.82 0.91
CA GLN A 23 3.31 -3.97 2.24
C GLN A 23 3.10 -5.38 2.76
N LYS A 24 2.37 -6.18 2.01
CA LYS A 24 2.11 -7.56 2.40
C LYS A 24 2.82 -8.54 1.46
N PHE A 25 3.47 -8.01 0.44
CA PHE A 25 4.19 -8.83 -0.53
C PHE A 25 5.58 -8.26 -0.80
N ALA A 26 5.93 -7.20 -0.07
CA ALA A 26 7.23 -6.56 -0.23
C ALA A 26 8.11 -6.81 0.99
N LEU A 27 7.89 -6.03 2.04
CA LEU A 27 8.67 -6.15 3.27
C LEU A 27 10.16 -6.19 2.97
N PRO A 28 10.67 -5.14 2.32
CA PRO A 28 12.09 -5.04 1.96
C PRO A 28 12.98 -4.84 3.18
N GLN A 29 12.47 -4.11 4.16
CA GLN A 29 13.23 -3.85 5.39
C GLN A 29 12.50 -4.39 6.60
N TYR A 30 11.20 -4.67 6.44
CA TYR A 30 10.40 -5.19 7.53
C TYR A 30 10.96 -6.51 8.06
N LEU A 31 11.09 -7.48 7.16
CA LEU A 31 11.62 -8.79 7.52
C LEU A 31 13.14 -8.79 7.48
N LYS A 32 13.73 -7.62 7.26
CA LYS A 32 15.18 -7.48 7.20
C LYS A 32 15.72 -6.87 8.48
N THR A 33 14.96 -5.95 9.06
CA THR A 33 15.36 -5.29 10.30
C THR A 33 14.74 -5.98 11.52
N VAL A 34 13.52 -6.45 11.35
CA VAL A 34 12.81 -7.13 12.44
C VAL A 34 13.41 -8.51 12.72
N TYR A 35 13.94 -9.13 11.67
CA TYR A 35 14.55 -10.45 11.81
C TYR A 35 15.89 -10.37 12.55
N GLN A 36 16.49 -9.19 12.53
CA GLN A 36 17.77 -8.97 13.19
C GLN A 36 17.57 -8.31 14.55
N HIS A 37 16.63 -7.36 14.61
CA HIS A 37 16.35 -6.66 15.86
C HIS A 37 15.54 -7.54 16.80
N GLN A 38 14.31 -7.86 16.40
CA GLN A 38 13.44 -8.69 17.21
C GLN A 38 14.10 -10.04 17.53
N LYS A 39 13.80 -10.57 18.71
CA LYS A 39 14.37 -11.85 19.14
C LYS A 39 13.48 -13.00 18.69
N LYS A 1 -21.16 18.34 -15.31
CA LYS A 1 -20.63 17.21 -14.53
C LYS A 1 -19.40 16.62 -15.19
N THR A 2 -18.22 17.11 -14.78
CA THR A 2 -16.97 16.63 -15.34
C THR A 2 -16.81 15.12 -15.12
N LYS A 3 -15.85 14.52 -15.82
CA LYS A 3 -15.60 13.10 -15.71
C LYS A 3 -14.43 12.83 -14.76
N LEU A 4 -14.22 13.74 -13.81
CA LEU A 4 -13.14 13.59 -12.84
C LEU A 4 -13.63 12.89 -11.58
N THR A 5 -14.86 13.19 -11.17
CA THR A 5 -15.44 12.60 -9.98
C THR A 5 -15.33 11.07 -10.03
N GLU A 6 -15.50 10.51 -11.23
CA GLU A 6 -15.43 9.07 -11.41
C GLU A 6 -13.99 8.57 -11.26
N GLU A 7 -13.13 8.99 -12.18
CA GLU A 7 -11.73 8.59 -12.17
C GLU A 7 -11.12 8.79 -10.77
N GLU A 8 -11.51 9.88 -10.12
CA GLU A 8 -11.01 10.18 -8.78
C GLU A 8 -11.17 8.98 -7.86
N LYS A 9 -12.39 8.47 -7.77
CA LYS A 9 -12.67 7.32 -6.91
C LYS A 9 -11.81 6.12 -7.32
N ASN A 10 -11.70 5.88 -8.61
CA ASN A 10 -10.91 4.77 -9.13
C ASN A 10 -9.47 4.86 -8.64
N ARG A 11 -9.03 6.08 -8.35
CA ARG A 11 -7.67 6.31 -7.88
C ARG A 11 -7.55 6.01 -6.39
N LEU A 12 -8.51 6.50 -5.62
CA LEU A 12 -8.52 6.28 -4.17
C LEU A 12 -8.26 4.81 -3.84
N ASN A 13 -9.12 3.93 -4.36
CA ASN A 13 -9.00 2.50 -4.12
C ASN A 13 -7.58 2.01 -4.45
N PHE A 14 -6.96 2.66 -5.44
CA PHE A 14 -5.61 2.30 -5.85
C PHE A 14 -4.61 2.58 -4.74
N LEU A 15 -4.36 3.86 -4.48
CA LEU A 15 -3.43 4.27 -3.44
C LEU A 15 -3.70 3.53 -2.14
N LYS A 16 -4.97 3.26 -1.86
CA LYS A 16 -5.37 2.55 -0.66
C LYS A 16 -4.73 1.17 -0.61
N LYS A 17 -4.82 0.44 -1.72
CA LYS A 17 -4.26 -0.90 -1.80
C LYS A 17 -2.76 -0.84 -2.07
N ILE A 18 -2.29 0.30 -2.56
CA ILE A 18 -0.88 0.48 -2.86
C ILE A 18 -0.08 0.71 -1.58
N SER A 19 -0.74 1.23 -0.55
CA SER A 19 -0.09 1.51 0.72
C SER A 19 -0.46 0.45 1.75
N GLN A 20 -1.36 -0.46 1.37
CA GLN A 20 -1.80 -1.52 2.26
C GLN A 20 -1.25 -2.87 1.81
N ARG A 21 -1.26 -3.10 0.49
CA ARG A 21 -0.76 -4.35 -0.07
C ARG A 21 0.77 -4.33 -0.17
N TYR A 22 1.31 -3.17 -0.51
CA TYR A 22 2.76 -3.02 -0.64
C TYR A 22 3.47 -3.40 0.66
N GLN A 23 3.01 -2.82 1.76
CA GLN A 23 3.60 -3.09 3.07
C GLN A 23 3.28 -4.50 3.53
N LYS A 24 2.45 -5.20 2.75
CA LYS A 24 2.06 -6.56 3.08
C LYS A 24 2.66 -7.55 2.07
N PHE A 25 3.34 -7.02 1.06
CA PHE A 25 3.96 -7.86 0.03
C PHE A 25 5.39 -7.41 -0.24
N ALA A 26 5.85 -6.44 0.53
CA ALA A 26 7.22 -5.92 0.36
C ALA A 26 8.09 -6.30 1.55
N LEU A 27 7.97 -5.55 2.64
CA LEU A 27 8.75 -5.81 3.84
C LEU A 27 10.23 -5.97 3.50
N PRO A 28 10.81 -4.94 2.89
CA PRO A 28 12.24 -4.94 2.50
C PRO A 28 13.17 -4.89 3.71
N GLN A 29 12.75 -4.17 4.74
CA GLN A 29 13.55 -4.04 5.96
C GLN A 29 12.80 -4.58 7.17
N TYR A 30 11.48 -4.73 7.02
CA TYR A 30 10.64 -5.23 8.10
C TYR A 30 11.10 -6.61 8.54
N LEU A 31 11.11 -7.55 7.60
CA LEU A 31 11.53 -8.92 7.89
C LEU A 31 13.06 -9.06 7.81
N LYS A 32 13.73 -7.93 7.63
CA LYS A 32 15.18 -7.93 7.54
C LYS A 32 15.81 -7.44 8.84
N THR A 33 15.15 -6.48 9.50
CA THR A 33 15.63 -5.93 10.75
C THR A 33 14.97 -6.61 11.94
N VAL A 34 13.71 -6.97 11.77
CA VAL A 34 12.96 -7.63 12.84
C VAL A 34 13.43 -9.07 13.04
N TYR A 35 13.90 -9.69 11.96
CA TYR A 35 14.38 -11.06 12.01
C TYR A 35 15.72 -11.13 12.73
N GLN A 36 16.44 -10.01 12.74
CA GLN A 36 17.74 -9.96 13.39
C GLN A 36 17.63 -9.35 14.79
N HIS A 37 16.79 -8.33 14.92
CA HIS A 37 16.60 -7.66 16.20
C HIS A 37 15.73 -8.51 17.12
N GLN A 38 14.47 -8.71 16.73
CA GLN A 38 13.54 -9.49 17.52
C GLN A 38 14.07 -10.91 17.74
N LYS A 39 13.67 -11.53 18.85
CA LYS A 39 14.10 -12.88 19.17
C LYS A 39 15.62 -12.97 19.21
N LYS A 1 -10.22 18.58 -14.57
CA LYS A 1 -11.35 18.69 -15.48
C LYS A 1 -12.58 18.00 -14.90
N THR A 2 -13.61 17.86 -15.72
CA THR A 2 -14.86 17.23 -15.29
C THR A 2 -14.66 15.73 -15.06
N LYS A 3 -15.74 15.03 -14.82
CA LYS A 3 -15.69 13.58 -14.58
C LYS A 3 -14.65 13.25 -13.52
N LEU A 4 -14.63 14.02 -12.44
CA LEU A 4 -13.68 13.80 -11.36
C LEU A 4 -14.29 12.96 -10.25
N THR A 5 -15.60 13.10 -10.07
CA THR A 5 -16.32 12.35 -9.04
C THR A 5 -16.05 10.85 -9.17
N GLU A 6 -16.52 10.27 -10.27
CA GLU A 6 -16.34 8.83 -10.50
C GLU A 6 -14.85 8.47 -10.44
N GLU A 7 -14.02 9.24 -11.12
CA GLU A 7 -12.59 8.99 -11.14
C GLU A 7 -12.01 9.02 -9.73
N GLU A 8 -12.72 9.70 -8.83
CA GLU A 8 -12.28 9.81 -7.44
C GLU A 8 -12.39 8.47 -6.72
N LYS A 9 -13.61 7.95 -6.65
CA LYS A 9 -13.86 6.66 -6.00
C LYS A 9 -12.96 5.58 -6.57
N ASN A 10 -12.60 5.72 -7.84
CA ASN A 10 -11.75 4.74 -8.51
C ASN A 10 -10.33 4.78 -7.93
N ARG A 11 -9.95 5.94 -7.40
CA ARG A 11 -8.62 6.10 -6.82
C ARG A 11 -8.61 5.64 -5.36
N LEU A 12 -9.67 5.97 -4.63
CA LEU A 12 -9.78 5.60 -3.23
C LEU A 12 -9.44 4.13 -3.02
N ASN A 13 -10.26 3.25 -3.61
CA ASN A 13 -10.04 1.81 -3.50
C ASN A 13 -8.61 1.45 -3.89
N PHE A 14 -8.10 2.11 -4.92
CA PHE A 14 -6.74 1.85 -5.39
C PHE A 14 -5.72 2.06 -4.27
N LEU A 15 -5.51 3.31 -3.90
CA LEU A 15 -4.57 3.65 -2.83
C LEU A 15 -4.82 2.80 -1.59
N LYS A 16 -6.10 2.54 -1.32
CA LYS A 16 -6.48 1.75 -0.16
C LYS A 16 -5.86 0.35 -0.22
N LYS A 17 -6.03 -0.32 -1.35
CA LYS A 17 -5.48 -1.65 -1.55
C LYS A 17 -3.98 -1.59 -1.81
N ILE A 18 -3.50 -0.41 -2.20
CA ILE A 18 -2.09 -0.23 -2.48
C ILE A 18 -1.26 -0.21 -1.20
N SER A 19 -1.67 0.64 -0.25
CA SER A 19 -0.97 0.76 1.02
C SER A 19 -1.11 -0.52 1.84
N GLN A 20 -2.10 -1.34 1.48
CA GLN A 20 -2.34 -2.59 2.18
C GLN A 20 -1.58 -3.74 1.51
N ARG A 21 -1.64 -3.78 0.17
CA ARG A 21 -0.98 -4.83 -0.59
C ARG A 21 0.52 -4.61 -0.60
N TYR A 22 0.93 -3.38 -0.89
CA TYR A 22 2.35 -3.04 -0.94
C TYR A 22 3.06 -3.44 0.35
N GLN A 23 2.50 -3.04 1.49
CA GLN A 23 3.08 -3.36 2.78
C GLN A 23 2.93 -4.85 3.08
N LYS A 24 2.24 -5.57 2.20
CA LYS A 24 2.04 -7.01 2.38
C LYS A 24 2.80 -7.79 1.30
N PHE A 25 3.43 -7.08 0.39
CA PHE A 25 4.20 -7.71 -0.69
C PHE A 25 5.56 -7.05 -0.85
N ALA A 26 5.86 -6.10 0.04
CA ALA A 26 7.13 -5.39 -0.01
C ALA A 26 8.02 -5.77 1.17
N LEU A 27 7.75 -5.15 2.32
CA LEU A 27 8.52 -5.42 3.53
C LEU A 27 10.02 -5.36 3.24
N PRO A 28 10.49 -4.20 2.76
CA PRO A 28 11.91 -4.00 2.44
C PRO A 28 12.78 -3.95 3.68
N GLN A 29 12.23 -3.38 4.75
CA GLN A 29 12.97 -3.26 6.01
C GLN A 29 12.25 -4.01 7.13
N TYR A 30 10.98 -4.30 6.92
CA TYR A 30 10.18 -5.01 7.91
C TYR A 30 10.80 -6.36 8.24
N LEU A 31 10.97 -7.20 7.22
CA LEU A 31 11.55 -8.52 7.41
C LEU A 31 13.08 -8.46 7.38
N LYS A 32 13.61 -7.24 7.33
CA LYS A 32 15.06 -7.03 7.31
C LYS A 32 15.57 -6.59 8.68
N THR A 33 14.76 -5.80 9.37
CA THR A 33 15.13 -5.31 10.69
C THR A 33 14.53 -6.18 11.79
N VAL A 34 13.32 -6.69 11.55
CA VAL A 34 12.64 -7.54 12.51
C VAL A 34 13.30 -8.91 12.60
N TYR A 35 13.87 -9.36 11.49
CA TYR A 35 14.52 -10.66 11.45
C TYR A 35 15.85 -10.63 12.20
N GLN A 36 16.40 -9.43 12.35
CA GLN A 36 17.67 -9.26 13.06
C GLN A 36 17.43 -8.81 14.49
N HIS A 37 16.47 -7.93 14.68
CA HIS A 37 16.14 -7.41 16.01
C HIS A 37 15.35 -8.45 16.81
N GLN A 38 14.15 -8.75 16.36
CA GLN A 38 13.30 -9.73 17.04
C GLN A 38 14.01 -11.07 17.18
N LYS A 39 13.65 -11.82 18.21
CA LYS A 39 14.26 -13.13 18.46
C LYS A 39 13.31 -14.02 19.25
N LYS A 1 -10.27 19.00 -12.67
CA LYS A 1 -11.03 19.19 -13.90
C LYS A 1 -12.36 18.45 -13.84
N THR A 2 -13.09 18.64 -12.75
CA THR A 2 -14.39 18.00 -12.57
C THR A 2 -14.24 16.47 -12.52
N LYS A 3 -15.29 15.79 -12.10
CA LYS A 3 -15.29 14.34 -12.01
C LYS A 3 -14.07 13.85 -11.23
N LEU A 4 -13.66 14.63 -10.24
CA LEU A 4 -12.51 14.28 -9.41
C LEU A 4 -12.94 13.47 -8.19
N THR A 5 -14.09 13.83 -7.63
CA THR A 5 -14.61 13.12 -6.46
C THR A 5 -14.69 11.62 -6.71
N GLU A 6 -15.33 11.24 -7.81
CA GLU A 6 -15.48 9.84 -8.16
C GLU A 6 -14.13 9.20 -8.42
N GLU A 7 -13.32 9.84 -9.25
CA GLU A 7 -11.99 9.32 -9.57
C GLU A 7 -11.15 9.15 -8.32
N GLU A 8 -11.50 9.89 -7.27
CA GLU A 8 -10.78 9.82 -6.01
C GLU A 8 -11.02 8.48 -5.32
N LYS A 9 -12.28 8.20 -4.98
CA LYS A 9 -12.64 6.97 -4.32
C LYS A 9 -12.12 5.76 -5.10
N ASN A 10 -12.05 5.90 -6.41
CA ASN A 10 -11.58 4.83 -7.28
C ASN A 10 -10.09 4.56 -7.04
N ARG A 11 -9.35 5.63 -6.72
CA ARG A 11 -7.91 5.51 -6.47
C ARG A 11 -7.65 4.89 -5.10
N LEU A 12 -8.44 5.27 -4.12
CA LEU A 12 -8.29 4.73 -2.77
C LEU A 12 -8.23 3.21 -2.78
N ASN A 13 -9.26 2.60 -3.36
CA ASN A 13 -9.32 1.14 -3.44
C ASN A 13 -8.02 0.57 -4.00
N PHE A 14 -7.41 1.31 -4.93
CA PHE A 14 -6.16 0.87 -5.55
C PHE A 14 -5.04 0.79 -4.51
N LEU A 15 -4.62 1.95 -4.01
CA LEU A 15 -3.55 2.02 -3.02
C LEU A 15 -3.82 1.05 -1.87
N LYS A 16 -5.10 0.89 -1.52
CA LYS A 16 -5.49 0.01 -0.44
C LYS A 16 -5.06 -1.43 -0.74
N LYS A 17 -5.39 -1.91 -1.93
CA LYS A 17 -5.03 -3.27 -2.33
C LYS A 17 -3.56 -3.35 -2.73
N ILE A 18 -2.97 -2.19 -3.03
CA ILE A 18 -1.57 -2.13 -3.42
C ILE A 18 -0.66 -2.40 -2.24
N SER A 19 -0.81 -1.60 -1.19
CA SER A 19 0.01 -1.75 0.02
C SER A 19 -0.29 -3.07 0.71
N GLN A 20 -1.39 -3.72 0.31
CA GLN A 20 -1.77 -5.00 0.90
C GLN A 20 -1.24 -6.16 0.08
N ARG A 21 -1.39 -6.06 -1.24
CA ARG A 21 -0.91 -7.11 -2.14
C ARG A 21 0.60 -7.04 -2.32
N TYR A 22 1.14 -5.82 -2.23
CA TYR A 22 2.58 -5.63 -2.37
C TYR A 22 3.33 -6.20 -1.18
N GLN A 23 2.91 -5.80 0.02
CA GLN A 23 3.56 -6.27 1.24
C GLN A 23 3.18 -7.72 1.52
N LYS A 24 2.29 -8.27 0.71
CA LYS A 24 1.85 -9.65 0.88
C LYS A 24 2.93 -10.63 0.43
N PHE A 25 3.68 -10.25 -0.60
CA PHE A 25 4.75 -11.10 -1.11
C PHE A 25 6.08 -10.34 -1.12
N ALA A 26 6.01 -9.03 -1.31
CA ALA A 26 7.20 -8.19 -1.33
C ALA A 26 7.56 -7.70 0.06
N LEU A 27 8.65 -8.24 0.61
CA LEU A 27 9.11 -7.85 1.95
C LEU A 27 10.58 -7.46 1.93
N PRO A 28 10.92 -6.50 1.06
CA PRO A 28 12.30 -6.02 0.92
C PRO A 28 12.75 -5.21 2.14
N GLN A 29 11.82 -4.47 2.73
CA GLN A 29 12.12 -3.64 3.89
C GLN A 29 11.25 -4.06 5.09
N TYR A 30 10.17 -4.76 4.80
CA TYR A 30 9.27 -5.22 5.85
C TYR A 30 10.00 -6.06 6.88
N LEU A 31 10.65 -7.13 6.43
CA LEU A 31 11.39 -8.01 7.31
C LEU A 31 12.80 -7.48 7.55
N LYS A 32 13.07 -6.29 7.04
CA LYS A 32 14.39 -5.67 7.21
C LYS A 32 14.35 -4.59 8.28
N THR A 33 13.22 -3.88 8.36
CA THR A 33 13.06 -2.81 9.34
C THR A 33 12.32 -3.33 10.58
N VAL A 34 11.38 -4.24 10.38
CA VAL A 34 10.60 -4.80 11.48
C VAL A 34 11.46 -5.74 12.32
N TYR A 35 12.43 -6.39 11.67
CA TYR A 35 13.32 -7.32 12.37
C TYR A 35 14.30 -6.58 13.26
N GLN A 36 14.54 -5.30 12.94
CA GLN A 36 15.46 -4.48 13.71
C GLN A 36 14.70 -3.60 14.70
N HIS A 37 13.57 -3.07 14.26
CA HIS A 37 12.75 -2.21 15.10
C HIS A 37 11.98 -3.04 16.14
N GLN A 38 11.06 -3.86 15.65
CA GLN A 38 10.24 -4.69 16.53
C GLN A 38 11.13 -5.57 17.41
N LYS A 39 10.56 -6.09 18.49
CA LYS A 39 11.29 -6.95 19.41
C LYS A 39 12.50 -6.21 19.99
N LYS A 1 -20.12 19.21 -11.99
CA LYS A 1 -18.88 19.93 -12.28
C LYS A 1 -17.67 19.15 -11.79
N THR A 2 -16.54 19.34 -12.47
CA THR A 2 -15.31 18.65 -12.12
C THR A 2 -15.45 17.14 -12.28
N LYS A 3 -14.32 16.44 -12.29
CA LYS A 3 -14.33 14.99 -12.44
C LYS A 3 -13.04 14.38 -11.87
N LEU A 4 -12.50 15.01 -10.84
CA LEU A 4 -11.28 14.53 -10.21
C LEU A 4 -11.59 13.69 -8.99
N THR A 5 -12.62 14.08 -8.25
CA THR A 5 -13.02 13.36 -7.05
C THR A 5 -13.27 11.88 -7.36
N GLU A 6 -13.86 11.62 -8.51
CA GLU A 6 -14.15 10.24 -8.92
C GLU A 6 -12.86 9.44 -9.07
N GLU A 7 -12.02 9.83 -10.02
CA GLU A 7 -10.76 9.14 -10.26
C GLU A 7 -10.00 8.94 -8.95
N GLU A 8 -10.04 9.94 -8.09
CA GLU A 8 -9.35 9.88 -6.81
C GLU A 8 -9.69 8.59 -6.07
N LYS A 9 -10.97 8.34 -5.88
CA LYS A 9 -11.44 7.15 -5.19
C LYS A 9 -10.93 5.89 -5.88
N ASN A 10 -11.02 5.88 -7.22
CA ASN A 10 -10.56 4.73 -8.00
C ASN A 10 -9.09 4.42 -7.71
N ARG A 11 -8.35 5.45 -7.29
CA ARG A 11 -6.93 5.29 -6.99
C ARG A 11 -6.74 4.71 -5.60
N LEU A 12 -7.49 5.23 -4.63
CA LEU A 12 -7.40 4.76 -3.25
C LEU A 12 -7.47 3.24 -3.19
N ASN A 13 -8.54 2.67 -3.76
CA ASN A 13 -8.74 1.22 -3.76
C ASN A 13 -7.50 0.52 -4.32
N PHE A 14 -6.84 1.16 -5.29
CA PHE A 14 -5.65 0.59 -5.90
C PHE A 14 -4.51 0.47 -4.87
N LEU A 15 -3.99 1.61 -4.45
CA LEU A 15 -2.90 1.64 -3.48
C LEU A 15 -3.23 0.76 -2.27
N LYS A 16 -4.51 0.72 -1.91
CA LYS A 16 -4.95 -0.08 -0.77
C LYS A 16 -4.63 -1.56 -1.00
N LYS A 17 -5.03 -2.08 -2.16
CA LYS A 17 -4.79 -3.47 -2.50
C LYS A 17 -3.34 -3.68 -2.91
N ILE A 18 -2.66 -2.60 -3.28
CA ILE A 18 -1.27 -2.68 -3.71
C ILE A 18 -0.35 -2.94 -2.52
N SER A 19 -0.44 -2.08 -1.51
CA SER A 19 0.39 -2.22 -0.32
C SER A 19 0.01 -3.49 0.46
N GLN A 20 -1.14 -4.06 0.11
CA GLN A 20 -1.61 -5.27 0.77
C GLN A 20 -1.17 -6.52 0.01
N ARG A 21 -1.34 -6.48 -1.31
CA ARG A 21 -0.95 -7.61 -2.15
C ARG A 21 0.56 -7.66 -2.35
N TYR A 22 1.19 -6.49 -2.36
CA TYR A 22 2.64 -6.40 -2.55
C TYR A 22 3.36 -6.91 -1.31
N GLN A 23 2.98 -6.39 -0.15
CA GLN A 23 3.60 -6.80 1.11
C GLN A 23 3.15 -8.19 1.52
N LYS A 24 2.28 -8.80 0.70
CA LYS A 24 1.78 -10.13 0.98
C LYS A 24 2.76 -11.20 0.52
N PHE A 25 3.46 -10.91 -0.58
CA PHE A 25 4.44 -11.85 -1.12
C PHE A 25 5.80 -11.17 -1.29
N ALA A 26 5.85 -9.88 -1.01
CA ALA A 26 7.09 -9.12 -1.13
C ALA A 26 7.47 -8.49 0.20
N LEU A 27 8.54 -8.98 0.81
CA LEU A 27 9.01 -8.46 2.09
C LEU A 27 10.50 -8.12 2.03
N PRO A 28 10.88 -7.28 1.05
CA PRO A 28 12.27 -6.86 0.87
C PRO A 28 12.75 -5.94 1.98
N GLN A 29 11.85 -5.11 2.49
CA GLN A 29 12.18 -4.18 3.55
C GLN A 29 11.29 -4.40 4.78
N TYR A 30 10.19 -5.11 4.57
CA TYR A 30 9.25 -5.40 5.65
C TYR A 30 9.95 -6.15 6.78
N LEU A 31 10.56 -7.28 6.45
CA LEU A 31 11.26 -8.09 7.44
C LEU A 31 12.68 -7.60 7.64
N LYS A 32 13.01 -6.48 7.00
CA LYS A 32 14.34 -5.90 7.11
C LYS A 32 14.34 -4.70 8.05
N THR A 33 13.25 -3.93 8.02
CA THR A 33 13.12 -2.76 8.87
C THR A 33 12.37 -3.09 10.16
N VAL A 34 11.40 -4.00 10.06
CA VAL A 34 10.62 -4.41 11.22
C VAL A 34 11.45 -5.26 12.18
N TYR A 35 12.32 -6.08 11.61
CA TYR A 35 13.18 -6.96 12.42
C TYR A 35 14.17 -6.14 13.23
N GLN A 36 14.41 -4.91 12.80
CA GLN A 36 15.34 -4.02 13.49
C GLN A 36 14.60 -3.00 14.34
N HIS A 37 13.50 -2.48 13.81
CA HIS A 37 12.69 -1.49 14.51
C HIS A 37 11.77 -2.18 15.53
N GLN A 38 10.70 -2.79 15.04
CA GLN A 38 9.75 -3.48 15.91
C GLN A 38 10.43 -4.62 16.66
N LYS A 39 9.72 -5.18 17.64
CA LYS A 39 10.24 -6.28 18.42
C LYS A 39 9.23 -7.42 18.52
N LYS A 1 -18.51 20.66 -16.18
CA LYS A 1 -17.78 20.31 -14.96
C LYS A 1 -16.70 19.28 -15.25
N THR A 2 -15.66 19.27 -14.44
CA THR A 2 -14.56 18.33 -14.61
C THR A 2 -14.95 16.93 -14.14
N LYS A 3 -14.58 15.92 -14.91
CA LYS A 3 -14.89 14.53 -14.57
C LYS A 3 -13.79 13.93 -13.70
N LEU A 4 -13.59 14.50 -12.52
CA LEU A 4 -12.56 14.01 -11.61
C LEU A 4 -13.20 13.41 -10.35
N THR A 5 -14.43 12.92 -10.49
CA THR A 5 -15.13 12.33 -9.37
C THR A 5 -15.04 10.81 -9.40
N GLU A 6 -15.75 10.18 -10.33
CA GLU A 6 -15.75 8.73 -10.46
C GLU A 6 -14.32 8.20 -10.53
N GLU A 7 -13.50 8.82 -11.39
CA GLU A 7 -12.12 8.40 -11.56
C GLU A 7 -11.36 8.49 -10.23
N GLU A 8 -11.81 9.39 -9.36
CA GLU A 8 -11.18 9.56 -8.06
C GLU A 8 -11.39 8.34 -7.17
N LYS A 9 -12.65 8.04 -6.88
CA LYS A 9 -13.00 6.90 -6.05
C LYS A 9 -12.35 5.63 -6.57
N ASN A 10 -12.21 5.54 -7.88
CA ASN A 10 -11.60 4.36 -8.51
C ASN A 10 -10.14 4.25 -8.14
N ARG A 11 -9.48 5.40 -7.97
CA ARG A 11 -8.06 5.43 -7.60
C ARG A 11 -7.88 5.04 -6.14
N LEU A 12 -8.76 5.54 -5.28
CA LEU A 12 -8.69 5.25 -3.85
C LEU A 12 -8.56 3.75 -3.60
N ASN A 13 -9.51 2.99 -4.13
CA ASN A 13 -9.50 1.54 -3.97
C ASN A 13 -8.15 0.96 -4.37
N PHE A 14 -7.51 1.56 -5.37
CA PHE A 14 -6.21 1.10 -5.83
C PHE A 14 -5.15 1.26 -4.73
N LEU A 15 -4.81 2.51 -4.43
CA LEU A 15 -3.81 2.80 -3.41
C LEU A 15 -4.12 2.06 -2.12
N LYS A 16 -5.41 1.85 -1.85
CA LYS A 16 -5.85 1.15 -0.65
C LYS A 16 -5.32 -0.28 -0.64
N LYS A 17 -5.54 -0.99 -1.74
CA LYS A 17 -5.09 -2.38 -1.86
C LYS A 17 -3.59 -2.44 -2.15
N ILE A 18 -3.05 -1.34 -2.68
CA ILE A 18 -1.63 -1.27 -3.00
C ILE A 18 -0.78 -1.27 -1.74
N SER A 19 -1.00 -0.28 -0.88
CA SER A 19 -0.26 -0.17 0.37
C SER A 19 -0.57 -1.33 1.30
N GLN A 20 -1.65 -2.06 0.99
CA GLN A 20 -2.06 -3.20 1.80
C GLN A 20 -1.35 -4.48 1.35
N ARG A 21 -1.36 -4.71 0.05
CA ARG A 21 -0.72 -5.90 -0.52
C ARG A 21 0.79 -5.72 -0.58
N TYR A 22 1.22 -4.58 -1.09
CA TYR A 22 2.64 -4.28 -1.21
C TYR A 22 3.36 -4.46 0.12
N GLN A 23 2.81 -3.84 1.16
CA GLN A 23 3.39 -3.93 2.50
C GLN A 23 3.23 -5.34 3.07
N LYS A 24 2.51 -6.18 2.34
CA LYS A 24 2.27 -7.55 2.78
C LYS A 24 3.01 -8.55 1.88
N PHE A 25 3.65 -8.03 0.84
CA PHE A 25 4.41 -8.86 -0.09
C PHE A 25 5.78 -8.26 -0.38
N ALA A 26 6.10 -7.18 0.31
CA ALA A 26 7.39 -6.51 0.13
C ALA A 26 8.28 -6.69 1.35
N LEU A 27 8.03 -5.89 2.38
CA LEU A 27 8.81 -5.96 3.61
C LEU A 27 10.31 -5.99 3.31
N PRO A 28 10.79 -4.94 2.62
CA PRO A 28 12.20 -4.81 2.26
C PRO A 28 13.10 -4.56 3.47
N GLN A 29 12.58 -3.80 4.44
CA GLN A 29 13.33 -3.48 5.64
C GLN A 29 12.61 -4.00 6.88
N TYR A 30 11.32 -4.32 6.73
CA TYR A 30 10.53 -4.83 7.84
C TYR A 30 11.12 -6.12 8.40
N LEU A 31 11.26 -7.12 7.53
CA LEU A 31 11.81 -8.40 7.94
C LEU A 31 13.34 -8.38 7.89
N LYS A 32 13.89 -7.21 7.63
CA LYS A 32 15.34 -7.04 7.56
C LYS A 32 15.88 -6.39 8.83
N THR A 33 15.14 -5.42 9.35
CA THR A 33 15.53 -4.72 10.57
C THR A 33 14.95 -5.39 11.80
N VAL A 34 13.74 -5.93 11.67
CA VAL A 34 13.07 -6.59 12.78
C VAL A 34 13.75 -7.92 13.10
N TYR A 35 14.10 -8.67 12.07
CA TYR A 35 14.75 -9.97 12.24
C TYR A 35 16.06 -9.82 13.00
N GLN A 36 16.62 -8.62 12.97
CA GLN A 36 17.88 -8.33 13.65
C GLN A 36 17.63 -7.61 14.97
N HIS A 37 16.69 -6.69 14.97
CA HIS A 37 16.35 -5.93 16.17
C HIS A 37 15.34 -6.69 17.02
N GLN A 38 14.08 -6.69 16.59
CA GLN A 38 13.03 -7.38 17.33
C GLN A 38 12.99 -8.87 16.96
N LYS A 39 13.68 -9.67 17.75
CA LYS A 39 13.73 -11.11 17.52
C LYS A 39 14.32 -11.42 16.14
N LYS A 1 -17.27 21.18 -10.46
CA LYS A 1 -17.33 21.08 -11.92
C LYS A 1 -16.11 20.36 -12.46
N THR A 2 -16.00 19.06 -12.17
CA THR A 2 -14.87 18.25 -12.63
C THR A 2 -15.16 16.76 -12.45
N LYS A 3 -14.30 15.94 -13.05
CA LYS A 3 -14.45 14.50 -12.95
C LYS A 3 -13.26 13.86 -12.24
N LEU A 4 -12.85 14.47 -11.14
CA LEU A 4 -11.71 13.97 -10.37
C LEU A 4 -12.18 13.18 -9.16
N THR A 5 -13.28 13.63 -8.56
CA THR A 5 -13.83 12.96 -7.39
C THR A 5 -14.04 11.47 -7.65
N GLU A 6 -14.47 11.14 -8.87
CA GLU A 6 -14.72 9.76 -9.25
C GLU A 6 -13.40 8.99 -9.36
N GLU A 7 -12.58 9.39 -10.33
CA GLU A 7 -11.29 8.75 -10.55
C GLU A 7 -10.51 8.61 -9.24
N GLU A 8 -10.58 9.64 -8.42
CA GLU A 8 -9.89 9.63 -7.13
C GLU A 8 -10.19 8.35 -6.36
N LYS A 9 -11.47 8.06 -6.19
CA LYS A 9 -11.90 6.87 -5.46
C LYS A 9 -11.34 5.61 -6.12
N ASN A 10 -11.38 5.56 -7.45
CA ASN A 10 -10.88 4.41 -8.19
C ASN A 10 -9.40 4.17 -7.88
N ARG A 11 -8.71 5.22 -7.46
CA ARG A 11 -7.29 5.12 -7.12
C ARG A 11 -7.10 4.58 -5.71
N LEU A 12 -7.88 5.11 -4.77
CA LEU A 12 -7.81 4.68 -3.38
C LEU A 12 -7.82 3.16 -3.28
N ASN A 13 -8.85 2.54 -3.86
CA ASN A 13 -8.97 1.08 -3.82
C ASN A 13 -7.69 0.42 -4.31
N PHE A 14 -7.02 1.06 -5.27
CA PHE A 14 -5.79 0.53 -5.82
C PHE A 14 -4.68 0.50 -4.76
N LEU A 15 -4.22 1.68 -4.36
CA LEU A 15 -3.17 1.80 -3.36
C LEU A 15 -3.50 0.94 -2.14
N LYS A 16 -4.79 0.83 -1.82
CA LYS A 16 -5.23 0.06 -0.68
C LYS A 16 -4.85 -1.41 -0.83
N LYS A 17 -5.19 -1.98 -1.99
CA LYS A 17 -4.88 -3.38 -2.27
C LYS A 17 -3.41 -3.55 -2.64
N ILE A 18 -2.76 -2.43 -3.00
CA ILE A 18 -1.36 -2.46 -3.38
C ILE A 18 -0.46 -2.66 -2.16
N SER A 19 -0.59 -1.77 -1.18
CA SER A 19 0.20 -1.85 0.04
C SER A 19 -0.16 -3.08 0.85
N GLN A 20 -1.29 -3.70 0.50
CA GLN A 20 -1.76 -4.89 1.20
C GLN A 20 -1.29 -6.15 0.49
N ARG A 21 -1.44 -6.18 -0.84
CA ARG A 21 -1.05 -7.32 -1.63
C ARG A 21 0.47 -7.38 -1.79
N TYR A 22 1.09 -6.21 -1.90
CA TYR A 22 2.54 -6.13 -2.06
C TYR A 22 3.25 -6.59 -0.79
N GLN A 23 2.84 -6.05 0.34
CA GLN A 23 3.43 -6.40 1.63
C GLN A 23 2.97 -7.79 2.09
N LYS A 24 2.08 -8.40 1.30
CA LYS A 24 1.55 -9.71 1.62
C LYS A 24 2.54 -10.80 1.25
N PHE A 25 3.18 -10.65 0.09
CA PHE A 25 4.16 -11.63 -0.37
C PHE A 25 5.55 -11.02 -0.43
N ALA A 26 5.61 -9.72 -0.73
CA ALA A 26 6.89 -9.02 -0.82
C ALA A 26 7.29 -8.46 0.55
N LEU A 27 8.32 -9.06 1.13
CA LEU A 27 8.81 -8.62 2.43
C LEU A 27 10.32 -8.42 2.41
N PRO A 28 10.79 -7.59 1.47
CA PRO A 28 12.21 -7.28 1.31
C PRO A 28 12.75 -6.43 2.45
N GLN A 29 11.92 -5.54 2.96
CA GLN A 29 12.31 -4.66 4.06
C GLN A 29 11.41 -4.87 5.27
N TYR A 30 10.25 -5.48 5.04
CA TYR A 30 9.29 -5.72 6.11
C TYR A 30 9.93 -6.56 7.23
N LEU A 31 10.44 -7.73 6.85
CA LEU A 31 11.08 -8.62 7.82
C LEU A 31 12.55 -8.25 8.02
N LYS A 32 12.96 -7.13 7.42
CA LYS A 32 14.33 -6.67 7.53
C LYS A 32 14.43 -5.50 8.51
N THR A 33 13.40 -4.66 8.52
CA THR A 33 13.37 -3.51 9.41
C THR A 33 12.59 -3.81 10.68
N VAL A 34 11.54 -4.62 10.55
CA VAL A 34 10.71 -4.99 11.69
C VAL A 34 11.46 -5.96 12.61
N TYR A 35 12.33 -6.76 12.04
CA TYR A 35 13.10 -7.74 12.81
C TYR A 35 14.17 -7.04 13.64
N GLN A 36 14.57 -5.84 13.21
CA GLN A 36 15.58 -5.08 13.92
C GLN A 36 14.95 -4.02 14.82
N HIS A 37 13.88 -3.40 14.33
CA HIS A 37 13.18 -2.38 15.09
C HIS A 37 12.31 -3.01 16.19
N GLN A 38 11.30 -3.75 15.77
CA GLN A 38 10.40 -4.41 16.72
C GLN A 38 11.17 -5.31 17.67
N LYS A 39 10.87 -5.22 18.96
CA LYS A 39 11.53 -6.02 19.97
C LYS A 39 10.92 -5.79 21.34
N LYS A 1 -21.08 19.04 -10.22
CA LYS A 1 -19.94 19.11 -11.14
C LYS A 1 -18.86 18.12 -10.74
N THR A 2 -18.18 17.56 -11.74
CA THR A 2 -17.12 16.60 -11.49
C THR A 2 -15.75 17.23 -11.67
N LYS A 3 -14.79 16.83 -10.83
CA LYS A 3 -13.44 17.36 -10.90
C LYS A 3 -12.54 16.73 -9.84
N LEU A 4 -11.66 15.84 -10.26
CA LEU A 4 -10.76 15.15 -9.35
C LEU A 4 -11.51 14.62 -8.13
N THR A 5 -12.25 13.54 -8.33
CA THR A 5 -13.02 12.92 -7.25
C THR A 5 -13.30 11.46 -7.55
N GLU A 6 -13.71 11.17 -8.79
CA GLU A 6 -14.03 9.82 -9.19
C GLU A 6 -12.74 9.01 -9.44
N GLU A 7 -11.79 9.63 -10.13
CA GLU A 7 -10.53 8.98 -10.43
C GLU A 7 -9.70 8.77 -9.16
N GLU A 8 -9.88 9.67 -8.19
CA GLU A 8 -9.15 9.59 -6.94
C GLU A 8 -9.51 8.31 -6.18
N LYS A 9 -10.80 8.14 -5.89
CA LYS A 9 -11.27 6.97 -5.17
C LYS A 9 -10.79 5.69 -5.85
N ASN A 10 -10.73 5.72 -7.18
CA ASN A 10 -10.29 4.57 -7.95
C ASN A 10 -8.83 4.22 -7.65
N ARG A 11 -8.03 5.26 -7.42
CA ARG A 11 -6.61 5.06 -7.11
C ARG A 11 -6.44 4.48 -5.71
N LEU A 12 -7.22 4.98 -4.76
CA LEU A 12 -7.15 4.50 -3.39
C LEU A 12 -7.21 2.98 -3.33
N ASN A 13 -8.29 2.42 -3.89
CA ASN A 13 -8.47 0.98 -3.90
C ASN A 13 -7.23 0.27 -4.43
N PHE A 14 -6.56 0.91 -5.39
CA PHE A 14 -5.36 0.34 -5.99
C PHE A 14 -4.24 0.23 -4.96
N LEU A 15 -3.71 1.37 -4.53
CA LEU A 15 -2.64 1.41 -3.55
C LEU A 15 -2.99 0.55 -2.34
N LYS A 16 -4.28 0.49 -2.01
CA LYS A 16 -4.74 -0.30 -0.88
C LYS A 16 -4.42 -1.78 -1.07
N LYS A 17 -4.79 -2.31 -2.23
CA LYS A 17 -4.54 -3.71 -2.55
C LYS A 17 -3.08 -3.93 -2.95
N ILE A 18 -2.42 -2.85 -3.34
CA ILE A 18 -1.02 -2.93 -3.75
C ILE A 18 -0.12 -3.21 -2.56
N SER A 19 -0.16 -2.32 -1.57
CA SER A 19 0.66 -2.47 -0.37
C SER A 19 0.21 -3.68 0.44
N GLN A 20 -0.96 -4.22 0.10
CA GLN A 20 -1.50 -5.37 0.80
C GLN A 20 -1.08 -6.67 0.12
N ARG A 21 -1.21 -6.72 -1.20
CA ARG A 21 -0.84 -7.90 -1.96
C ARG A 21 0.67 -7.99 -2.14
N TYR A 22 1.31 -6.83 -2.32
CA TYR A 22 2.76 -6.78 -2.49
C TYR A 22 3.48 -7.20 -1.22
N GLN A 23 3.08 -6.62 -0.10
CA GLN A 23 3.69 -6.94 1.19
C GLN A 23 3.22 -8.29 1.69
N LYS A 24 2.36 -8.94 0.92
CA LYS A 24 1.83 -10.26 1.28
C LYS A 24 2.78 -11.36 0.85
N PHE A 25 3.49 -11.13 -0.25
CA PHE A 25 4.45 -12.11 -0.77
C PHE A 25 5.82 -11.48 -0.97
N ALA A 26 5.90 -10.18 -0.72
CA ALA A 26 7.17 -9.46 -0.87
C ALA A 26 7.54 -8.73 0.42
N LEU A 27 8.61 -9.20 1.06
CA LEU A 27 9.07 -8.60 2.30
C LEU A 27 10.56 -8.28 2.24
N PRO A 28 10.95 -7.51 1.21
CA PRO A 28 12.35 -7.12 1.01
C PRO A 28 12.83 -6.13 2.07
N GLN A 29 11.94 -5.26 2.51
CA GLN A 29 12.28 -4.26 3.51
C GLN A 29 11.38 -4.40 4.74
N TYR A 30 10.24 -5.08 4.56
CA TYR A 30 9.29 -5.27 5.65
C TYR A 30 9.95 -6.00 6.83
N LEU A 31 10.55 -7.15 6.54
CA LEU A 31 11.22 -7.95 7.56
C LEU A 31 12.63 -7.42 7.82
N LYS A 32 12.99 -6.34 7.14
CA LYS A 32 14.31 -5.74 7.29
C LYS A 32 14.24 -4.50 8.20
N THR A 33 13.15 -3.75 8.08
CA THR A 33 12.97 -2.55 8.89
C THR A 33 12.21 -2.87 10.17
N VAL A 34 11.26 -3.79 10.08
CA VAL A 34 10.46 -4.18 11.24
C VAL A 34 11.30 -4.97 12.23
N TYR A 35 12.35 -5.61 11.74
CA TYR A 35 13.24 -6.40 12.59
C TYR A 35 14.19 -5.51 13.38
N GLN A 36 14.42 -4.30 12.86
CA GLN A 36 15.31 -3.35 13.52
C GLN A 36 14.51 -2.32 14.31
N HIS A 37 13.36 -1.93 13.77
CA HIS A 37 12.50 -0.95 14.44
C HIS A 37 11.72 -1.59 15.57
N GLN A 38 10.83 -2.50 15.23
CA GLN A 38 10.01 -3.19 16.22
C GLN A 38 10.88 -3.89 17.25
N LYS A 39 10.29 -4.20 18.40
CA LYS A 39 11.01 -4.88 19.48
C LYS A 39 12.27 -4.10 19.86
N LYS A 1 -20.53 17.65 -15.86
CA LYS A 1 -19.67 18.83 -15.83
C LYS A 1 -18.20 18.43 -15.94
N THR A 2 -17.81 17.41 -15.19
CA THR A 2 -16.44 16.92 -15.21
C THR A 2 -16.38 15.43 -14.91
N LYS A 3 -15.20 14.84 -15.08
CA LYS A 3 -15.00 13.41 -14.83
C LYS A 3 -13.86 13.19 -13.83
N LEU A 4 -13.61 14.19 -12.99
CA LEU A 4 -12.55 14.09 -12.00
C LEU A 4 -13.05 13.42 -10.73
N THR A 5 -14.30 13.69 -10.37
CA THR A 5 -14.90 13.12 -9.18
C THR A 5 -14.89 11.60 -9.24
N GLU A 6 -15.36 11.05 -10.35
CA GLU A 6 -15.40 9.60 -10.54
C GLU A 6 -14.00 9.01 -10.56
N GLU A 7 -13.13 9.60 -11.38
CA GLU A 7 -11.76 9.13 -11.50
C GLU A 7 -11.05 9.16 -10.16
N GLU A 8 -11.54 10.01 -9.26
CA GLU A 8 -10.96 10.15 -7.93
C GLU A 8 -11.21 8.89 -7.09
N LYS A 9 -12.48 8.59 -6.86
CA LYS A 9 -12.85 7.43 -6.07
C LYS A 9 -12.20 6.16 -6.63
N ASN A 10 -12.01 6.13 -7.95
CA ASN A 10 -11.39 4.99 -8.60
C ASN A 10 -9.92 4.85 -8.19
N ARG A 11 -9.27 5.99 -7.95
CA ARG A 11 -7.87 6.00 -7.56
C ARG A 11 -7.72 5.56 -6.10
N LEU A 12 -8.62 6.01 -5.25
CA LEU A 12 -8.57 5.67 -3.82
C LEU A 12 -8.45 4.16 -3.65
N ASN A 13 -9.39 3.42 -4.22
CA ASN A 13 -9.39 1.96 -4.12
C ASN A 13 -8.03 1.39 -4.51
N PHE A 14 -7.36 2.08 -5.44
CA PHE A 14 -6.05 1.64 -5.91
C PHE A 14 -5.02 1.72 -4.79
N LEU A 15 -4.67 2.94 -4.41
CA LEU A 15 -3.69 3.16 -3.34
C LEU A 15 -4.04 2.33 -2.11
N LYS A 16 -5.33 2.16 -1.86
CA LYS A 16 -5.80 1.39 -0.71
C LYS A 16 -5.29 -0.05 -0.77
N LYS A 17 -5.47 -0.68 -1.93
CA LYS A 17 -5.03 -2.06 -2.12
C LYS A 17 -3.52 -2.11 -2.38
N ILE A 18 -2.96 -1.00 -2.85
CA ILE A 18 -1.54 -0.92 -3.13
C ILE A 18 -0.72 -1.01 -1.84
N SER A 19 -0.95 -0.07 -0.93
CA SER A 19 -0.24 -0.03 0.33
C SER A 19 -0.59 -1.24 1.19
N GLN A 20 -1.65 -1.94 0.81
CA GLN A 20 -2.11 -3.12 1.54
C GLN A 20 -1.39 -4.37 1.04
N ARG A 21 -1.39 -4.55 -0.28
CA ARG A 21 -0.76 -5.72 -0.88
C ARG A 21 0.77 -5.56 -0.90
N TYR A 22 1.22 -4.39 -1.34
CA TYR A 22 2.65 -4.10 -1.41
C TYR A 22 3.32 -4.36 -0.06
N GLN A 23 2.75 -3.79 1.01
CA GLN A 23 3.30 -3.96 2.34
C GLN A 23 3.10 -5.39 2.83
N LYS A 24 2.40 -6.19 2.04
CA LYS A 24 2.14 -7.58 2.40
C LYS A 24 2.89 -8.53 1.46
N PHE A 25 3.56 -7.96 0.47
CA PHE A 25 4.32 -8.76 -0.49
C PHE A 25 5.71 -8.16 -0.71
N ALA A 26 6.02 -7.12 0.05
CA ALA A 26 7.33 -6.46 -0.06
C ALA A 26 8.18 -6.72 1.19
N LEU A 27 7.91 -5.95 2.24
CA LEU A 27 8.65 -6.09 3.49
C LEU A 27 10.16 -6.12 3.23
N PRO A 28 10.66 -5.04 2.62
CA PRO A 28 12.09 -4.90 2.30
C PRO A 28 12.95 -4.72 3.54
N GLN A 29 12.40 -4.02 4.54
CA GLN A 29 13.11 -3.77 5.78
C GLN A 29 12.37 -4.38 6.96
N TYR A 30 11.09 -4.68 6.77
CA TYR A 30 10.27 -5.26 7.82
C TYR A 30 10.84 -6.59 8.29
N LEU A 31 11.03 -7.51 7.35
CA LEU A 31 11.58 -8.83 7.66
C LEU A 31 13.10 -8.78 7.74
N LYS A 32 13.67 -7.58 7.59
CA LYS A 32 15.10 -7.39 7.65
C LYS A 32 15.52 -6.84 9.01
N THR A 33 14.70 -5.95 9.55
CA THR A 33 14.98 -5.34 10.85
C THR A 33 14.36 -6.14 11.98
N VAL A 34 13.18 -6.70 11.72
CA VAL A 34 12.47 -7.49 12.72
C VAL A 34 13.16 -8.82 12.97
N TYR A 35 13.92 -9.28 11.96
CA TYR A 35 14.63 -10.55 12.07
C TYR A 35 15.91 -10.39 12.90
N GLN A 36 16.40 -9.15 12.98
CA GLN A 36 17.61 -8.86 13.73
C GLN A 36 17.27 -8.27 15.10
N HIS A 37 16.21 -7.46 15.14
CA HIS A 37 15.78 -6.84 16.38
C HIS A 37 15.01 -7.82 17.25
N GLN A 38 13.85 -8.24 16.78
CA GLN A 38 13.02 -9.19 17.51
C GLN A 38 13.78 -10.46 17.82
N LYS A 39 13.55 -11.02 19.01
CA LYS A 39 14.22 -12.23 19.43
C LYS A 39 13.22 -13.36 19.64
N LYS A 1 -19.51 17.86 -9.06
CA LYS A 1 -18.65 18.85 -9.70
C LYS A 1 -17.41 18.19 -10.29
N THR A 2 -17.20 18.35 -11.59
CA THR A 2 -16.04 17.78 -12.27
C THR A 2 -16.06 16.26 -12.19
N LYS A 3 -15.22 15.62 -12.98
CA LYS A 3 -15.14 14.16 -13.00
C LYS A 3 -13.83 13.68 -12.40
N LEU A 4 -13.30 14.45 -11.45
CA LEU A 4 -12.04 14.10 -10.79
C LEU A 4 -12.31 13.29 -9.52
N THR A 5 -13.36 13.65 -8.80
CA THR A 5 -13.72 12.96 -7.57
C THR A 5 -13.86 11.46 -7.80
N GLU A 6 -14.22 11.08 -9.02
CA GLU A 6 -14.39 9.68 -9.36
C GLU A 6 -13.03 8.98 -9.45
N GLU A 7 -12.21 9.42 -10.39
CA GLU A 7 -10.89 8.83 -10.58
C GLU A 7 -10.13 8.74 -9.26
N GLU A 8 -10.28 9.76 -8.42
CA GLU A 8 -9.63 9.80 -7.13
C GLU A 8 -9.87 8.51 -6.35
N LYS A 9 -11.14 8.15 -6.18
CA LYS A 9 -11.51 6.94 -5.47
C LYS A 9 -10.87 5.71 -6.12
N ASN A 10 -10.92 5.65 -7.44
CA ASN A 10 -10.36 4.53 -8.18
C ASN A 10 -8.88 4.36 -7.85
N ARG A 11 -8.24 5.46 -7.44
CA ARG A 11 -6.82 5.42 -7.10
C ARG A 11 -6.61 4.90 -5.68
N LEU A 12 -7.43 5.39 -4.75
CA LEU A 12 -7.33 4.98 -3.36
C LEU A 12 -7.27 3.46 -3.25
N ASN A 13 -8.28 2.78 -3.81
CA ASN A 13 -8.34 1.33 -3.78
C ASN A 13 -7.03 0.72 -4.28
N PHE A 14 -6.43 1.35 -5.28
CA PHE A 14 -5.18 0.88 -5.85
C PHE A 14 -4.08 0.86 -4.80
N LEU A 15 -3.62 2.05 -4.41
CA LEU A 15 -2.57 2.16 -3.40
C LEU A 15 -2.85 1.28 -2.20
N LYS A 16 -4.13 1.19 -1.82
CA LYS A 16 -4.53 0.37 -0.68
C LYS A 16 -4.10 -1.08 -0.88
N LYS A 17 -4.37 -1.61 -2.07
CA LYS A 17 -4.00 -2.98 -2.40
C LYS A 17 -2.53 -3.09 -2.77
N ILE A 18 -1.94 -1.96 -3.16
CA ILE A 18 -0.53 -1.93 -3.53
C ILE A 18 0.37 -2.00 -2.31
N SER A 19 -0.15 -1.53 -1.17
CA SER A 19 0.61 -1.54 0.07
C SER A 19 0.16 -2.66 0.98
N GLN A 20 -0.88 -3.39 0.55
CA GLN A 20 -1.42 -4.50 1.34
C GLN A 20 -1.12 -5.84 0.66
N ARG A 21 -1.24 -5.86 -0.66
CA ARG A 21 -0.99 -7.09 -1.42
C ARG A 21 0.51 -7.26 -1.67
N TYR A 22 1.23 -6.14 -1.71
CA TYR A 22 2.67 -6.18 -1.95
C TYR A 22 3.42 -6.74 -0.74
N GLN A 23 3.11 -6.19 0.43
CA GLN A 23 3.74 -6.64 1.67
C GLN A 23 3.20 -7.98 2.11
N LYS A 24 2.26 -8.51 1.33
CA LYS A 24 1.64 -9.81 1.65
C LYS A 24 2.50 -10.95 1.12
N PHE A 25 3.18 -10.72 0.00
CA PHE A 25 4.04 -11.73 -0.60
C PHE A 25 5.44 -11.18 -0.82
N ALA A 26 5.63 -9.89 -0.53
CA ALA A 26 6.93 -9.26 -0.70
C ALA A 26 7.42 -8.63 0.60
N LEU A 27 8.46 -9.21 1.18
CA LEU A 27 9.02 -8.72 2.43
C LEU A 27 10.52 -8.49 2.31
N PRO A 28 10.92 -7.67 1.31
CA PRO A 28 12.32 -7.35 1.06
C PRO A 28 12.92 -6.47 2.16
N GLN A 29 12.10 -5.58 2.71
CA GLN A 29 12.55 -4.68 3.77
C GLN A 29 11.65 -4.81 5.00
N TYR A 30 10.44 -5.29 4.80
CA TYR A 30 9.49 -5.46 5.89
C TYR A 30 10.12 -6.22 7.06
N LEU A 31 10.62 -7.41 6.77
CA LEU A 31 11.26 -8.23 7.80
C LEU A 31 12.68 -7.74 8.09
N LYS A 32 13.07 -6.66 7.44
CA LYS A 32 14.39 -6.08 7.63
C LYS A 32 14.33 -4.83 8.49
N THR A 33 13.19 -4.14 8.44
CA THR A 33 13.00 -2.92 9.22
C THR A 33 12.20 -3.20 10.50
N VAL A 34 11.20 -4.06 10.38
CA VAL A 34 10.37 -4.43 11.52
C VAL A 34 11.15 -5.28 12.52
N TYR A 35 12.00 -6.16 12.01
CA TYR A 35 12.80 -7.04 12.86
C TYR A 35 13.80 -6.24 13.68
N GLN A 36 14.19 -5.08 13.15
CA GLN A 36 15.14 -4.21 13.83
C GLN A 36 14.42 -3.18 14.70
N HIS A 37 13.34 -2.62 14.16
CA HIS A 37 12.56 -1.62 14.87
C HIS A 37 11.65 -2.27 15.91
N GLN A 38 10.64 -2.97 15.44
CA GLN A 38 9.70 -3.65 16.33
C GLN A 38 10.43 -4.51 17.34
N LYS A 39 11.28 -5.41 16.86
CA LYS A 39 12.06 -6.30 17.72
C LYS A 39 13.54 -6.18 17.42
N LYS A 1 -10.65 18.42 -17.12
CA LYS A 1 -11.07 18.93 -15.81
C LYS A 1 -12.50 18.47 -15.48
N THR A 2 -12.71 17.16 -15.50
CA THR A 2 -14.02 16.60 -15.20
C THR A 2 -13.94 15.10 -14.95
N LYS A 3 -15.06 14.49 -14.62
CA LYS A 3 -15.11 13.06 -14.36
C LYS A 3 -14.17 12.69 -13.21
N LEU A 4 -13.92 13.64 -12.33
CA LEU A 4 -13.03 13.41 -11.19
C LEU A 4 -13.76 12.63 -10.09
N THR A 5 -15.05 12.89 -9.94
CA THR A 5 -15.85 12.21 -8.93
C THR A 5 -15.65 10.70 -8.99
N GLU A 6 -15.39 10.18 -10.19
CA GLU A 6 -15.18 8.75 -10.38
C GLU A 6 -13.80 8.34 -9.89
N GLU A 7 -12.77 8.94 -10.48
CA GLU A 7 -11.39 8.62 -10.10
C GLU A 7 -11.17 8.87 -8.61
N GLU A 8 -12.01 9.72 -8.02
CA GLU A 8 -11.90 10.03 -6.60
C GLU A 8 -12.35 8.85 -5.74
N LYS A 9 -13.05 7.91 -6.36
CA LYS A 9 -13.55 6.73 -5.65
C LYS A 9 -12.81 5.48 -6.13
N ASN A 10 -12.27 5.54 -7.33
CA ASN A 10 -11.54 4.41 -7.90
C ASN A 10 -10.12 4.35 -7.34
N ARG A 11 -9.59 5.50 -6.93
CA ARG A 11 -8.25 5.57 -6.38
C ARG A 11 -8.23 5.09 -4.93
N LEU A 12 -9.26 5.47 -4.17
CA LEU A 12 -9.36 5.08 -2.77
C LEU A 12 -9.13 3.58 -2.60
N ASN A 13 -9.97 2.79 -3.26
CA ASN A 13 -9.86 1.33 -3.19
C ASN A 13 -8.47 0.87 -3.60
N PHE A 14 -7.79 1.68 -4.41
CA PHE A 14 -6.46 1.36 -4.89
C PHE A 14 -5.44 1.46 -3.75
N LEU A 15 -5.16 2.69 -3.31
CA LEU A 15 -4.20 2.93 -2.24
C LEU A 15 -4.49 2.01 -1.06
N LYS A 16 -5.78 1.80 -0.78
CA LYS A 16 -6.19 0.94 0.33
C LYS A 16 -5.60 -0.46 0.19
N LYS A 17 -5.79 -1.05 -0.98
CA LYS A 17 -5.27 -2.39 -1.25
C LYS A 17 -3.77 -2.36 -1.50
N ILE A 18 -3.27 -1.19 -1.88
CA ILE A 18 -1.85 -1.01 -2.15
C ILE A 18 -1.03 -0.99 -0.86
N SER A 19 -1.52 -0.24 0.12
CA SER A 19 -0.85 -0.13 1.41
C SER A 19 -0.85 -1.46 2.14
N GLN A 20 -1.80 -2.33 1.79
CA GLN A 20 -1.92 -3.63 2.42
C GLN A 20 -1.16 -4.69 1.61
N ARG A 21 -1.30 -4.63 0.29
CA ARG A 21 -0.64 -5.58 -0.60
C ARG A 21 0.87 -5.34 -0.62
N TYR A 22 1.25 -4.07 -0.77
CA TYR A 22 2.66 -3.70 -0.82
C TYR A 22 3.40 -4.22 0.41
N GLN A 23 2.83 -3.98 1.59
CA GLN A 23 3.44 -4.42 2.83
C GLN A 23 3.01 -5.85 3.17
N LYS A 24 2.91 -6.68 2.14
CA LYS A 24 2.50 -8.07 2.33
C LYS A 24 3.42 -9.00 1.53
N PHE A 25 3.81 -8.57 0.34
CA PHE A 25 4.68 -9.36 -0.52
C PHE A 25 6.03 -8.69 -0.71
N ALA A 26 6.07 -7.38 -0.48
CA ALA A 26 7.29 -6.61 -0.62
C ALA A 26 8.16 -6.73 0.63
N LEU A 27 7.72 -6.06 1.71
CA LEU A 27 8.45 -6.09 2.97
C LEU A 27 9.93 -5.76 2.74
N PRO A 28 10.19 -4.57 2.20
CA PRO A 28 11.56 -4.11 1.93
C PRO A 28 12.33 -3.81 3.20
N GLN A 29 11.63 -3.29 4.21
CA GLN A 29 12.26 -2.96 5.49
C GLN A 29 11.61 -3.73 6.63
N TYR A 30 10.43 -4.28 6.37
CA TYR A 30 9.70 -5.05 7.37
C TYR A 30 10.53 -6.23 7.85
N LEU A 31 10.93 -7.09 6.92
CA LEU A 31 11.73 -8.27 7.25
C LEU A 31 13.21 -7.91 7.31
N LYS A 32 13.51 -6.63 7.19
CA LYS A 32 14.90 -6.16 7.23
C LYS A 32 15.22 -5.54 8.59
N THR A 33 14.23 -4.86 9.17
CA THR A 33 14.40 -4.21 10.46
C THR A 33 13.89 -5.10 11.59
N VAL A 34 12.82 -5.85 11.32
CA VAL A 34 12.24 -6.74 12.31
C VAL A 34 13.13 -7.95 12.55
N TYR A 35 13.85 -8.37 11.52
CA TYR A 35 14.74 -9.52 11.62
C TYR A 35 15.97 -9.18 12.45
N GLN A 36 16.25 -7.89 12.57
CA GLN A 36 17.41 -7.43 13.34
C GLN A 36 16.98 -6.91 14.71
N HIS A 37 15.85 -6.21 14.75
CA HIS A 37 15.34 -5.66 15.99
C HIS A 37 14.66 -6.75 16.83
N GLN A 38 13.57 -7.30 16.30
CA GLN A 38 12.83 -8.35 17.00
C GLN A 38 13.71 -9.57 17.22
N LYS A 39 13.12 -10.63 17.79
CA LYS A 39 13.85 -11.86 18.05
C LYS A 39 15.13 -11.58 18.85
N LYS A 1 -19.33 19.81 -15.65
CA LYS A 1 -18.89 18.97 -14.56
C LYS A 1 -17.85 17.96 -15.04
N THR A 2 -16.60 18.14 -14.62
CA THR A 2 -15.52 17.24 -15.01
C THR A 2 -15.83 15.80 -14.59
N LYS A 3 -15.03 14.87 -15.11
CA LYS A 3 -15.22 13.46 -14.79
C LYS A 3 -14.16 12.99 -13.79
N LEU A 4 -13.67 13.91 -12.97
CA LEU A 4 -12.65 13.59 -11.98
C LEU A 4 -13.26 12.79 -10.82
N THR A 5 -14.50 13.11 -10.48
CA THR A 5 -15.20 12.43 -9.40
C THR A 5 -15.14 10.91 -9.58
N GLU A 6 -15.08 10.48 -10.84
CA GLU A 6 -15.03 9.06 -11.14
C GLU A 6 -13.61 8.51 -10.98
N GLU A 7 -12.69 9.04 -11.77
CA GLU A 7 -11.28 8.61 -11.70
C GLU A 7 -10.76 8.70 -10.27
N GLU A 8 -11.34 9.60 -9.48
CA GLU A 8 -10.93 9.79 -8.10
C GLU A 8 -11.22 8.54 -7.27
N LYS A 9 -12.50 8.16 -7.22
CA LYS A 9 -12.91 6.99 -6.46
C LYS A 9 -12.15 5.75 -6.90
N ASN A 10 -11.77 5.72 -8.18
CA ASN A 10 -11.03 4.59 -8.73
C ASN A 10 -9.61 4.54 -8.16
N ARG A 11 -9.13 5.69 -7.69
CA ARG A 11 -7.79 5.78 -7.11
C ARG A 11 -7.82 5.45 -5.62
N LEU A 12 -8.86 5.90 -4.93
CA LEU A 12 -9.00 5.65 -3.50
C LEU A 12 -8.76 4.19 -3.18
N ASN A 13 -9.67 3.32 -3.62
CA ASN A 13 -9.54 1.90 -3.38
C ASN A 13 -8.16 1.38 -3.81
N PHE A 14 -7.65 1.95 -4.89
CA PHE A 14 -6.34 1.55 -5.42
C PHE A 14 -5.25 1.78 -4.37
N LEU A 15 -4.94 3.05 -4.12
CA LEU A 15 -3.91 3.40 -3.16
C LEU A 15 -4.14 2.68 -1.83
N LYS A 16 -5.41 2.55 -1.45
CA LYS A 16 -5.77 1.89 -0.21
C LYS A 16 -5.24 0.46 -0.18
N LYS A 17 -5.51 -0.28 -1.25
CA LYS A 17 -5.06 -1.67 -1.36
C LYS A 17 -3.57 -1.74 -1.71
N ILE A 18 -3.04 -0.63 -2.22
CA ILE A 18 -1.64 -0.56 -2.59
C ILE A 18 -0.74 -0.48 -1.36
N SER A 19 -1.04 0.46 -0.48
CA SER A 19 -0.25 0.64 0.74
C SER A 19 -0.43 -0.55 1.67
N GLN A 20 -1.48 -1.33 1.45
CA GLN A 20 -1.76 -2.50 2.27
C GLN A 20 -1.13 -3.75 1.66
N ARG A 21 -1.27 -3.90 0.35
CA ARG A 21 -0.72 -5.06 -0.35
C ARG A 21 0.79 -4.94 -0.47
N TYR A 22 1.26 -3.76 -0.89
CA TYR A 22 2.69 -3.53 -1.05
C TYR A 22 3.46 -3.87 0.22
N GLN A 23 2.98 -3.33 1.35
CA GLN A 23 3.61 -3.58 2.64
C GLN A 23 3.39 -5.02 3.09
N LYS A 24 2.61 -5.77 2.31
CA LYS A 24 2.33 -7.16 2.62
C LYS A 24 2.96 -8.10 1.60
N PHE A 25 3.59 -7.51 0.58
CA PHE A 25 4.24 -8.29 -0.47
C PHE A 25 5.63 -7.73 -0.77
N ALA A 26 6.05 -6.74 0.01
CA ALA A 26 7.36 -6.12 -0.18
C ALA A 26 8.29 -6.47 0.98
N LEU A 27 8.15 -5.73 2.07
CA LEU A 27 8.98 -5.95 3.26
C LEU A 27 10.45 -6.06 2.88
N PRO A 28 10.98 -5.00 2.23
CA PRO A 28 12.37 -4.95 1.81
C PRO A 28 13.34 -4.85 2.98
N GLN A 29 12.92 -4.14 4.03
CA GLN A 29 13.76 -3.96 5.21
C GLN A 29 13.02 -4.44 6.46
N TYR A 30 11.71 -4.63 6.34
CA TYR A 30 10.90 -5.08 7.47
C TYR A 30 11.38 -6.43 7.97
N LEU A 31 11.38 -7.44 7.10
CA LEU A 31 11.82 -8.77 7.46
C LEU A 31 13.33 -8.86 7.52
N LYS A 32 13.99 -7.73 7.27
CA LYS A 32 15.44 -7.66 7.29
C LYS A 32 15.93 -7.01 8.58
N THR A 33 15.13 -6.10 9.12
CA THR A 33 15.49 -5.41 10.36
C THR A 33 14.84 -6.06 11.56
N VAL A 34 13.59 -6.50 11.39
CA VAL A 34 12.86 -7.15 12.47
C VAL A 34 13.44 -8.52 12.79
N TYR A 35 13.82 -9.24 11.74
CA TYR A 35 14.39 -10.58 11.90
C TYR A 35 15.71 -10.52 12.68
N GLN A 36 16.37 -9.38 12.60
CA GLN A 36 17.65 -9.19 13.29
C GLN A 36 17.44 -8.52 14.65
N HIS A 37 16.53 -7.55 14.69
CA HIS A 37 16.23 -6.84 15.93
C HIS A 37 15.22 -7.62 16.78
N GLN A 38 13.96 -7.58 16.37
CA GLN A 38 12.90 -8.27 17.10
C GLN A 38 13.09 -9.79 17.01
N LYS A 39 12.35 -10.51 17.83
CA LYS A 39 12.43 -11.97 17.85
C LYS A 39 13.88 -12.43 18.00
N LYS A 1 -21.49 16.42 -10.32
CA LYS A 1 -20.63 15.28 -10.00
C LYS A 1 -19.76 14.91 -11.20
N THR A 2 -18.73 15.72 -11.45
CA THR A 2 -17.82 15.47 -12.56
C THR A 2 -16.53 16.27 -12.38
N LYS A 3 -15.60 16.08 -13.30
CA LYS A 3 -14.31 16.78 -13.26
C LYS A 3 -13.52 16.39 -12.02
N LEU A 4 -12.49 15.57 -12.21
CA LEU A 4 -11.66 15.12 -11.11
C LEU A 4 -12.51 14.63 -9.94
N THR A 5 -13.11 13.46 -10.09
CA THR A 5 -13.96 12.88 -9.06
C THR A 5 -14.02 11.36 -9.18
N GLU A 6 -14.33 10.89 -10.39
CA GLU A 6 -14.42 9.46 -10.65
C GLU A 6 -13.05 8.81 -10.64
N GLU A 7 -12.08 9.47 -11.29
CA GLU A 7 -10.73 8.95 -11.37
C GLU A 7 -10.06 8.98 -9.99
N GLU A 8 -10.45 9.94 -9.17
CA GLU A 8 -9.88 10.09 -7.84
C GLU A 8 -10.18 8.85 -6.98
N LYS A 9 -11.46 8.56 -6.82
CA LYS A 9 -11.88 7.40 -6.04
C LYS A 9 -11.19 6.13 -6.50
N ASN A 10 -10.96 6.03 -7.82
CA ASN A 10 -10.30 4.87 -8.40
C ASN A 10 -8.87 4.76 -7.91
N ARG A 11 -8.22 5.90 -7.72
CA ARG A 11 -6.84 5.94 -7.25
C ARG A 11 -6.76 5.51 -5.79
N LEU A 12 -7.71 5.97 -4.98
CA LEU A 12 -7.75 5.65 -3.56
C LEU A 12 -7.66 4.14 -3.35
N ASN A 13 -8.57 3.41 -3.98
CA ASN A 13 -8.59 1.95 -3.87
C ASN A 13 -7.29 1.34 -4.38
N PHE A 14 -6.54 2.12 -5.15
CA PHE A 14 -5.27 1.66 -5.70
C PHE A 14 -4.17 1.69 -4.64
N LEU A 15 -3.78 2.89 -4.23
CA LEU A 15 -2.74 3.06 -3.23
C LEU A 15 -3.00 2.15 -2.03
N LYS A 16 -4.21 2.19 -1.51
CA LYS A 16 -4.59 1.37 -0.36
C LYS A 16 -4.34 -0.10 -0.65
N LYS A 17 -4.54 -0.51 -1.89
CA LYS A 17 -4.32 -1.90 -2.30
C LYS A 17 -2.89 -2.10 -2.79
N ILE A 18 -2.11 -1.02 -2.81
CA ILE A 18 -0.72 -1.09 -3.26
C ILE A 18 0.23 -1.24 -2.08
N SER A 19 -0.17 -0.68 -0.94
CA SER A 19 0.65 -0.75 0.27
C SER A 19 0.18 -1.89 1.17
N GLN A 20 -0.90 -2.55 0.78
CA GLN A 20 -1.45 -3.66 1.55
C GLN A 20 -1.24 -4.98 0.83
N ARG A 21 -1.40 -4.95 -0.49
CA ARG A 21 -1.23 -6.16 -1.30
C ARG A 21 0.24 -6.44 -1.58
N TYR A 22 1.03 -5.37 -1.62
CA TYR A 22 2.46 -5.49 -1.89
C TYR A 22 3.18 -6.16 -0.72
N GLN A 23 2.95 -5.64 0.48
CA GLN A 23 3.57 -6.18 1.69
C GLN A 23 2.93 -7.52 2.07
N LYS A 24 1.93 -7.93 1.29
CA LYS A 24 1.24 -9.18 1.56
C LYS A 24 2.02 -10.37 0.99
N PHE A 25 2.69 -10.15 -0.13
CA PHE A 25 3.49 -11.20 -0.76
C PHE A 25 4.92 -10.74 -0.98
N ALA A 26 5.18 -9.48 -0.67
CA ALA A 26 6.52 -8.92 -0.84
C ALA A 26 7.06 -8.40 0.48
N LEU A 27 8.08 -9.08 1.02
CA LEU A 27 8.69 -8.69 2.28
C LEU A 27 10.21 -8.58 2.13
N PRO A 28 10.65 -7.76 1.17
CA PRO A 28 12.08 -7.53 0.91
C PRO A 28 12.75 -6.75 2.04
N GLN A 29 12.01 -5.81 2.63
CA GLN A 29 12.55 -5.00 3.71
C GLN A 29 11.70 -5.14 4.97
N TYR A 30 10.48 -5.64 4.81
CA TYR A 30 9.57 -5.82 5.93
C TYR A 30 10.17 -6.76 6.96
N LEU A 31 10.59 -7.94 6.53
CA LEU A 31 11.19 -8.93 7.41
C LEU A 31 12.67 -8.63 7.63
N LYS A 32 13.14 -7.55 7.04
CA LYS A 32 14.55 -7.15 7.17
C LYS A 32 14.70 -6.03 8.19
N THR A 33 13.73 -5.13 8.23
CA THR A 33 13.76 -4.01 9.17
C THR A 33 13.04 -4.36 10.46
N VAL A 34 11.96 -5.12 10.34
CA VAL A 34 11.17 -5.53 11.51
C VAL A 34 11.94 -6.54 12.36
N TYR A 35 12.87 -7.26 11.73
CA TYR A 35 13.67 -8.25 12.43
C TYR A 35 14.78 -7.59 13.23
N GLN A 36 15.15 -6.38 12.83
CA GLN A 36 16.20 -5.64 13.52
C GLN A 36 15.62 -4.60 14.47
N HIS A 37 14.50 -4.00 14.06
CA HIS A 37 13.83 -2.99 14.87
C HIS A 37 13.02 -3.64 15.98
N GLN A 38 11.99 -4.37 15.61
CA GLN A 38 11.13 -5.04 16.59
C GLN A 38 11.96 -5.97 17.48
N LYS A 39 11.31 -6.49 18.52
CA LYS A 39 11.99 -7.39 19.45
C LYS A 39 11.02 -8.45 19.97
N LYS A 1 -15.39 23.50 -11.04
CA LYS A 1 -15.84 22.13 -11.27
C LYS A 1 -14.72 21.28 -11.88
N THR A 2 -14.50 20.11 -11.31
CA THR A 2 -13.46 19.21 -11.80
C THR A 2 -13.97 17.77 -11.87
N LYS A 3 -13.14 16.88 -12.39
CA LYS A 3 -13.50 15.47 -12.51
C LYS A 3 -12.56 14.59 -11.68
N LEU A 4 -12.11 15.13 -10.55
CA LEU A 4 -11.22 14.40 -9.66
C LEU A 4 -11.99 13.74 -8.53
N THR A 5 -13.22 13.33 -8.81
CA THR A 5 -14.06 12.68 -7.82
C THR A 5 -14.08 11.17 -8.01
N GLU A 6 -14.77 10.72 -9.06
CA GLU A 6 -14.87 9.30 -9.35
C GLU A 6 -13.48 8.67 -9.45
N GLU A 7 -12.59 9.31 -10.21
CA GLU A 7 -11.23 8.82 -10.38
C GLU A 7 -10.51 8.72 -9.03
N GLU A 8 -10.98 9.49 -8.06
CA GLU A 8 -10.38 9.49 -6.73
C GLU A 8 -10.65 8.18 -6.01
N LYS A 9 -11.92 7.86 -5.81
CA LYS A 9 -12.31 6.63 -5.15
C LYS A 9 -11.68 5.42 -5.82
N ASN A 10 -11.46 5.52 -7.12
CA ASN A 10 -10.85 4.43 -7.89
C ASN A 10 -9.41 4.20 -7.47
N ARG A 11 -8.76 5.27 -6.99
CA ARG A 11 -7.37 5.20 -6.56
C ARG A 11 -7.29 4.70 -5.11
N LEU A 12 -8.19 5.18 -4.27
CA LEU A 12 -8.20 4.80 -2.87
C LEU A 12 -8.11 3.29 -2.72
N ASN A 13 -9.14 2.58 -3.21
CA ASN A 13 -9.16 1.12 -3.13
C ASN A 13 -7.89 0.52 -3.72
N PHE A 14 -7.40 1.12 -4.79
CA PHE A 14 -6.19 0.65 -5.46
C PHE A 14 -5.01 0.64 -4.48
N LEU A 15 -4.55 1.84 -4.13
CA LEU A 15 -3.42 1.97 -3.21
C LEU A 15 -3.61 1.08 -1.98
N LYS A 16 -4.83 1.08 -1.45
CA LYS A 16 -5.15 0.27 -0.28
C LYS A 16 -4.83 -1.20 -0.52
N LYS A 17 -5.34 -1.74 -1.62
CA LYS A 17 -5.11 -3.14 -1.97
C LYS A 17 -3.70 -3.32 -2.52
N ILE A 18 -2.99 -2.22 -2.71
CA ILE A 18 -1.62 -2.27 -3.22
C ILE A 18 -0.61 -2.38 -2.09
N SER A 19 -0.97 -1.85 -0.92
CA SER A 19 -0.10 -1.89 0.24
C SER A 19 -0.13 -3.26 0.90
N GLN A 20 -1.27 -3.93 0.80
CA GLN A 20 -1.42 -5.26 1.38
C GLN A 20 -0.96 -6.34 0.41
N ARG A 21 -1.40 -6.23 -0.84
CA ARG A 21 -1.04 -7.20 -1.87
C ARG A 21 0.46 -7.19 -2.12
N TYR A 22 1.06 -6.01 -2.07
CA TYR A 22 2.50 -5.88 -2.29
C TYR A 22 3.29 -6.48 -1.14
N GLN A 23 2.96 -6.06 0.08
CA GLN A 23 3.65 -6.55 1.27
C GLN A 23 3.23 -7.98 1.57
N LYS A 24 2.32 -8.51 0.76
CA LYS A 24 1.84 -9.88 0.94
C LYS A 24 2.83 -10.89 0.37
N PHE A 25 3.50 -10.51 -0.70
CA PHE A 25 4.48 -11.38 -1.34
C PHE A 25 5.81 -10.67 -1.51
N ALA A 26 5.84 -9.39 -1.16
CA ALA A 26 7.06 -8.59 -1.28
C ALA A 26 7.50 -8.07 0.09
N LEU A 27 8.61 -8.61 0.60
CA LEU A 27 9.13 -8.19 1.89
C LEU A 27 10.61 -7.84 1.79
N PRO A 28 10.95 -6.92 0.87
CA PRO A 28 12.33 -6.47 0.66
C PRO A 28 12.86 -5.65 1.82
N GLN A 29 11.98 -4.86 2.43
CA GLN A 29 12.36 -4.02 3.56
C GLN A 29 11.54 -4.36 4.80
N TYR A 30 10.43 -5.06 4.60
CA TYR A 30 9.56 -5.45 5.69
C TYR A 30 10.31 -6.28 6.72
N LEU A 31 10.91 -7.38 6.27
CA LEU A 31 11.67 -8.26 7.14
C LEU A 31 13.10 -7.76 7.30
N LYS A 32 13.38 -6.60 6.74
CA LYS A 32 14.72 -6.01 6.83
C LYS A 32 14.76 -4.90 7.86
N THR A 33 13.66 -4.16 7.97
CA THR A 33 13.57 -3.06 8.93
C THR A 33 12.89 -3.50 10.21
N VAL A 34 11.92 -4.39 10.08
CA VAL A 34 11.18 -4.90 11.24
C VAL A 34 12.05 -5.84 12.07
N TYR A 35 12.96 -6.54 11.40
CA TYR A 35 13.84 -7.48 12.07
C TYR A 35 14.89 -6.73 12.90
N GLN A 36 15.16 -5.48 12.53
CA GLN A 36 16.14 -4.67 13.23
C GLN A 36 15.46 -3.73 14.22
N HIS A 37 14.32 -3.17 13.81
CA HIS A 37 13.57 -2.26 14.67
C HIS A 37 12.82 -3.04 15.76
N GLN A 38 11.86 -3.84 15.35
CA GLN A 38 11.07 -4.63 16.29
C GLN A 38 11.96 -5.52 17.15
N LYS A 39 11.71 -5.54 18.45
CA LYS A 39 12.49 -6.33 19.38
C LYS A 39 12.19 -7.82 19.22
N LYS A 1 -20.08 20.10 -14.33
CA LYS A 1 -19.78 19.04 -13.38
C LYS A 1 -18.39 18.46 -13.63
N THR A 2 -17.49 18.66 -12.66
CA THR A 2 -16.13 18.15 -12.78
C THR A 2 -16.12 16.64 -13.01
N LYS A 3 -14.93 16.09 -13.25
CA LYS A 3 -14.78 14.66 -13.49
C LYS A 3 -13.60 14.10 -12.72
N LEU A 4 -13.33 14.69 -11.56
CA LEU A 4 -12.22 14.25 -10.71
C LEU A 4 -12.71 13.33 -9.59
N THR A 5 -13.90 13.63 -9.07
CA THR A 5 -14.48 12.84 -8.00
C THR A 5 -14.48 11.35 -8.35
N GLU A 6 -14.57 11.05 -9.64
CA GLU A 6 -14.58 9.67 -10.11
C GLU A 6 -13.18 9.10 -10.15
N GLU A 7 -12.33 9.68 -11.00
CA GLU A 7 -10.95 9.22 -11.14
C GLU A 7 -10.26 9.16 -9.78
N GLU A 8 -10.73 10.00 -8.85
CA GLU A 8 -10.15 10.03 -7.50
C GLU A 8 -10.39 8.71 -6.77
N LYS A 9 -11.66 8.36 -6.60
CA LYS A 9 -12.03 7.12 -5.92
C LYS A 9 -11.34 5.92 -6.57
N ASN A 10 -11.11 6.01 -7.88
CA ASN A 10 -10.46 4.94 -8.62
C ASN A 10 -9.00 4.78 -8.19
N ARG A 11 -8.44 5.84 -7.63
CA ARG A 11 -7.05 5.82 -7.17
C ARG A 11 -6.97 5.37 -5.71
N LEU A 12 -7.90 5.84 -4.89
CA LEU A 12 -7.93 5.48 -3.48
C LEU A 12 -7.80 3.98 -3.29
N ASN A 13 -8.76 3.23 -3.83
CA ASN A 13 -8.75 1.78 -3.72
C ASN A 13 -7.41 1.21 -4.18
N PHE A 14 -6.85 1.78 -5.24
CA PHE A 14 -5.57 1.34 -5.77
C PHE A 14 -4.49 1.38 -4.69
N LEU A 15 -4.07 2.59 -4.32
CA LEU A 15 -3.05 2.77 -3.30
C LEU A 15 -3.38 1.95 -2.05
N LYS A 16 -4.66 1.89 -1.71
CA LYS A 16 -5.10 1.14 -0.53
C LYS A 16 -4.69 -0.32 -0.64
N LYS A 17 -5.01 -0.94 -1.77
CA LYS A 17 -4.67 -2.35 -1.99
C LYS A 17 -3.18 -2.50 -2.31
N ILE A 18 -2.55 -1.39 -2.72
CA ILE A 18 -1.14 -1.41 -3.05
C ILE A 18 -0.27 -1.49 -1.80
N SER A 19 -0.56 -0.62 -0.84
CA SER A 19 0.20 -0.59 0.41
C SER A 19 -0.04 -1.85 1.22
N GLN A 20 -1.13 -2.56 0.90
CA GLN A 20 -1.46 -3.79 1.60
C GLN A 20 -0.89 -5.01 0.85
N ARG A 21 -1.03 -5.01 -0.46
CA ARG A 21 -0.55 -6.11 -1.29
C ARG A 21 0.98 -6.08 -1.37
N TYR A 22 1.54 -4.89 -1.57
CA TYR A 22 2.98 -4.74 -1.68
C TYR A 22 3.68 -5.29 -0.44
N GLN A 23 3.17 -4.91 0.72
CA GLN A 23 3.75 -5.35 1.99
C GLN A 23 3.14 -6.69 2.43
N LYS A 24 2.84 -7.54 1.44
CA LYS A 24 2.26 -8.85 1.72
C LYS A 24 3.03 -9.94 0.99
N PHE A 25 3.50 -9.64 -0.22
CA PHE A 25 4.25 -10.60 -1.01
C PHE A 25 5.68 -10.12 -1.24
N ALA A 26 5.88 -8.81 -1.19
CA ALA A 26 7.19 -8.22 -1.40
C ALA A 26 8.04 -8.35 -0.13
N LEU A 27 7.69 -7.59 0.90
CA LEU A 27 8.42 -7.62 2.16
C LEU A 27 9.92 -7.46 1.92
N PRO A 28 10.30 -6.33 1.31
CA PRO A 28 11.70 -6.01 1.00
C PRO A 28 12.50 -5.72 2.26
N GLN A 29 11.87 -5.07 3.24
CA GLN A 29 12.52 -4.72 4.49
C GLN A 29 11.75 -5.27 5.68
N TYR A 30 10.56 -5.79 5.42
CA TYR A 30 9.72 -6.35 6.47
C TYR A 30 10.51 -7.29 7.36
N LEU A 31 11.06 -8.35 6.76
CA LEU A 31 11.85 -9.32 7.50
C LEU A 31 13.31 -8.88 7.59
N LYS A 32 13.56 -7.62 7.30
CA LYS A 32 14.91 -7.07 7.35
C LYS A 32 15.07 -6.14 8.56
N THR A 33 14.07 -5.30 8.79
CA THR A 33 14.11 -4.37 9.90
C THR A 33 13.36 -4.91 11.11
N VAL A 34 12.24 -5.58 10.84
CA VAL A 34 11.42 -6.17 11.91
C VAL A 34 12.11 -7.37 12.53
N TYR A 35 12.90 -8.08 11.72
CA TYR A 35 13.61 -9.26 12.18
C TYR A 35 14.77 -8.88 13.09
N GLN A 36 15.22 -7.64 12.97
CA GLN A 36 16.33 -7.14 13.78
C GLN A 36 15.81 -6.29 14.94
N HIS A 37 14.76 -5.51 14.68
CA HIS A 37 14.18 -4.65 15.70
C HIS A 37 13.25 -5.45 16.61
N GLN A 38 12.15 -5.94 16.04
CA GLN A 38 11.19 -6.71 16.81
C GLN A 38 11.85 -7.89 17.49
N LYS A 39 11.14 -8.52 18.43
CA LYS A 39 11.66 -9.67 19.16
C LYS A 39 10.53 -10.50 19.74
N LYS A 1 -19.32 21.03 -14.21
CA LYS A 1 -19.34 19.58 -14.40
C LYS A 1 -17.93 19.02 -14.49
N THR A 2 -17.45 18.46 -13.37
CA THR A 2 -16.11 17.89 -13.32
C THR A 2 -16.17 16.38 -13.08
N LYS A 3 -15.28 15.64 -13.73
CA LYS A 3 -15.23 14.20 -13.58
C LYS A 3 -14.02 13.78 -12.75
N LEU A 4 -13.59 14.65 -11.86
CA LEU A 4 -12.44 14.38 -11.00
C LEU A 4 -12.86 13.57 -9.78
N THR A 5 -14.05 13.88 -9.26
CA THR A 5 -14.57 13.18 -8.08
C THR A 5 -14.61 11.67 -8.32
N GLU A 6 -14.93 11.28 -9.55
CA GLU A 6 -15.02 9.86 -9.89
C GLU A 6 -13.63 9.22 -9.89
N GLU A 7 -12.76 9.70 -10.77
CA GLU A 7 -11.41 9.17 -10.86
C GLU A 7 -10.75 9.10 -9.48
N GLU A 8 -11.01 10.11 -8.66
CA GLU A 8 -10.45 10.18 -7.31
C GLU A 8 -10.69 8.87 -6.57
N LYS A 9 -11.96 8.47 -6.49
CA LYS A 9 -12.32 7.24 -5.80
C LYS A 9 -11.60 6.04 -6.40
N ASN A 10 -11.55 5.98 -7.73
CA ASN A 10 -10.88 4.89 -8.42
C ASN A 10 -9.43 4.78 -7.98
N ARG A 11 -8.86 5.90 -7.53
CA ARG A 11 -7.47 5.92 -7.08
C ARG A 11 -7.35 5.40 -5.66
N LEU A 12 -8.25 5.85 -4.80
CA LEU A 12 -8.24 5.44 -3.39
C LEU A 12 -8.13 3.92 -3.28
N ASN A 13 -9.06 3.21 -3.92
CA ASN A 13 -9.07 1.75 -3.89
C ASN A 13 -7.71 1.20 -4.30
N PHE A 14 -7.05 1.87 -5.22
CA PHE A 14 -5.74 1.46 -5.70
C PHE A 14 -4.71 1.51 -4.58
N LEU A 15 -4.37 2.73 -4.17
CA LEU A 15 -3.39 2.93 -3.10
C LEU A 15 -3.71 2.06 -1.89
N LYS A 16 -5.00 1.84 -1.65
CA LYS A 16 -5.44 1.03 -0.53
C LYS A 16 -4.92 -0.40 -0.66
N LYS A 17 -5.13 -0.99 -1.82
CA LYS A 17 -4.68 -2.36 -2.09
C LYS A 17 -3.18 -2.39 -2.36
N ILE A 18 -2.62 -1.24 -2.70
CA ILE A 18 -1.20 -1.13 -2.99
C ILE A 18 -0.37 -1.21 -1.72
N SER A 19 -0.69 -0.35 -0.77
CA SER A 19 0.04 -0.32 0.51
C SER A 19 -0.23 -1.59 1.31
N GLN A 20 -1.25 -2.34 0.91
CA GLN A 20 -1.61 -3.58 1.59
C GLN A 20 -0.98 -4.78 0.91
N ARG A 21 -1.04 -4.79 -0.43
CA ARG A 21 -0.47 -5.89 -1.20
C ARG A 21 1.06 -5.78 -1.25
N TYR A 22 1.55 -4.58 -1.52
CA TYR A 22 2.99 -4.35 -1.60
C TYR A 22 3.70 -4.84 -0.34
N GLN A 23 3.12 -4.52 0.82
CA GLN A 23 3.70 -4.92 2.09
C GLN A 23 3.22 -6.32 2.48
N LYS A 24 2.67 -7.05 1.51
CA LYS A 24 2.18 -8.40 1.75
C LYS A 24 2.88 -9.40 0.84
N PHE A 25 3.69 -8.90 -0.08
CA PHE A 25 4.42 -9.76 -1.01
C PHE A 25 5.86 -9.30 -1.15
N ALA A 26 6.06 -7.99 -1.16
CA ALA A 26 7.39 -7.41 -1.30
C ALA A 26 8.22 -7.66 -0.05
N LEU A 27 7.89 -6.99 1.04
CA LEU A 27 8.60 -7.13 2.30
C LEU A 27 10.11 -6.99 2.09
N PRO A 28 10.53 -5.84 1.55
CA PRO A 28 11.94 -5.56 1.29
C PRO A 28 12.74 -5.36 2.57
N GLN A 29 12.10 -4.76 3.57
CA GLN A 29 12.76 -4.51 4.85
C GLN A 29 11.96 -5.13 6.00
N TYR A 30 10.76 -5.60 5.68
CA TYR A 30 9.90 -6.22 6.69
C TYR A 30 10.68 -7.24 7.52
N LEU A 31 11.20 -8.26 6.85
CA LEU A 31 11.96 -9.30 7.52
C LEU A 31 13.43 -8.91 7.65
N LYS A 32 13.71 -7.63 7.45
CA LYS A 32 15.08 -7.13 7.54
C LYS A 32 15.26 -6.29 8.81
N THR A 33 14.28 -5.44 9.10
CA THR A 33 14.33 -4.58 10.27
C THR A 33 13.56 -5.20 11.44
N VAL A 34 12.43 -5.82 11.13
CA VAL A 34 11.59 -6.45 12.14
C VAL A 34 12.24 -7.72 12.67
N TYR A 35 13.02 -8.38 11.82
CA TYR A 35 13.70 -9.62 12.20
C TYR A 35 14.86 -9.33 13.15
N GLN A 36 15.35 -8.09 13.11
CA GLN A 36 16.46 -7.69 13.96
C GLN A 36 15.97 -6.91 15.17
N HIS A 37 14.94 -6.08 14.96
CA HIS A 37 14.37 -5.27 16.03
C HIS A 37 13.42 -6.11 16.88
N GLN A 38 12.30 -6.53 16.28
CA GLN A 38 11.31 -7.33 16.99
C GLN A 38 11.95 -8.58 17.59
N LYS A 39 11.24 -9.21 18.53
CA LYS A 39 11.73 -10.41 19.18
C LYS A 39 10.61 -11.42 19.40
N LYS A 1 -10.67 17.53 -14.72
CA LYS A 1 -11.48 18.73 -14.79
C LYS A 1 -12.78 18.55 -14.00
N THR A 2 -13.63 17.63 -14.46
CA THR A 2 -14.89 17.36 -13.80
C THR A 2 -14.99 15.90 -13.38
N LYS A 3 -16.10 15.55 -12.73
CA LYS A 3 -16.32 14.18 -12.27
C LYS A 3 -15.12 13.67 -11.49
N LEU A 4 -14.78 14.37 -10.42
CA LEU A 4 -13.65 13.98 -9.58
C LEU A 4 -14.09 13.02 -8.48
N THR A 5 -15.28 13.27 -7.93
CA THR A 5 -15.81 12.42 -6.86
C THR A 5 -15.78 10.95 -7.25
N GLU A 6 -16.03 10.68 -8.53
CA GLU A 6 -16.02 9.31 -9.04
C GLU A 6 -14.61 8.76 -9.10
N GLU A 7 -13.77 9.35 -9.96
CA GLU A 7 -12.39 8.91 -10.10
C GLU A 7 -11.71 8.77 -8.75
N GLU A 8 -12.02 9.69 -7.84
CA GLU A 8 -11.44 9.68 -6.50
C GLU A 8 -11.59 8.30 -5.85
N LYS A 9 -12.83 7.83 -5.80
CA LYS A 9 -13.11 6.52 -5.22
C LYS A 9 -12.33 5.42 -5.92
N ASN A 10 -12.29 5.48 -7.25
CA ASN A 10 -11.57 4.48 -8.03
C ASN A 10 -10.11 4.42 -7.63
N ARG A 11 -9.60 5.53 -7.09
CA ARG A 11 -8.22 5.61 -6.67
C ARG A 11 -8.03 4.98 -5.28
N LEU A 12 -8.94 5.30 -4.37
CA LEU A 12 -8.89 4.77 -3.02
C LEU A 12 -8.69 3.26 -3.03
N ASN A 13 -9.58 2.55 -3.72
CA ASN A 13 -9.50 1.10 -3.81
C ASN A 13 -8.12 0.66 -4.27
N PHE A 14 -7.51 1.46 -5.14
CA PHE A 14 -6.18 1.15 -5.66
C PHE A 14 -5.15 1.18 -4.54
N LEU A 15 -4.87 2.37 -4.02
CA LEU A 15 -3.89 2.52 -2.95
C LEU A 15 -4.16 1.54 -1.82
N LYS A 16 -5.44 1.24 -1.59
CA LYS A 16 -5.83 0.31 -0.54
C LYS A 16 -5.23 -1.07 -0.78
N LYS A 17 -5.41 -1.59 -1.99
CA LYS A 17 -4.88 -2.90 -2.36
C LYS A 17 -3.39 -2.82 -2.63
N ILE A 18 -2.90 -1.62 -2.93
CA ILE A 18 -1.49 -1.42 -3.21
C ILE A 18 -0.65 -1.57 -1.95
N SER A 19 -0.98 -0.78 -0.93
CA SER A 19 -0.24 -0.83 0.33
C SER A 19 -0.46 -2.17 1.04
N GLN A 20 -1.46 -2.91 0.57
CA GLN A 20 -1.77 -4.21 1.16
C GLN A 20 -1.04 -5.33 0.42
N ARG A 21 -1.07 -5.29 -0.90
CA ARG A 21 -0.41 -6.30 -1.71
C ARG A 21 1.10 -6.07 -1.74
N TYR A 22 1.50 -4.82 -1.96
CA TYR A 22 2.91 -4.48 -2.01
C TYR A 22 3.64 -4.95 -0.76
N GLN A 23 3.03 -4.71 0.39
CA GLN A 23 3.62 -5.12 1.67
C GLN A 23 3.24 -6.56 2.00
N LYS A 24 2.80 -7.30 0.99
CA LYS A 24 2.41 -8.69 1.18
C LYS A 24 3.21 -9.61 0.26
N PHE A 25 4.00 -9.01 -0.63
CA PHE A 25 4.81 -9.76 -1.56
C PHE A 25 6.21 -9.17 -1.67
N ALA A 26 6.29 -7.85 -1.64
CA ALA A 26 7.57 -7.15 -1.73
C ALA A 26 8.40 -7.36 -0.47
N LEU A 27 7.97 -6.74 0.63
CA LEU A 27 8.68 -6.87 1.90
C LEU A 27 10.17 -6.58 1.72
N PRO A 28 10.49 -5.37 1.23
CA PRO A 28 11.88 -4.95 1.00
C PRO A 28 12.63 -4.72 2.30
N GLN A 29 11.92 -4.22 3.32
CA GLN A 29 12.53 -3.95 4.61
C GLN A 29 11.77 -4.68 5.72
N TYR A 30 10.63 -5.27 5.37
CA TYR A 30 9.82 -6.00 6.34
C TYR A 30 10.67 -6.97 7.15
N LEU A 31 11.29 -7.93 6.45
CA LEU A 31 12.13 -8.92 7.10
C LEU A 31 13.55 -8.40 7.27
N LYS A 32 13.72 -7.09 7.12
CA LYS A 32 15.03 -6.46 7.25
C LYS A 32 15.11 -5.66 8.55
N THR A 33 14.04 -4.93 8.86
CA THR A 33 13.99 -4.13 10.07
C THR A 33 13.26 -4.85 11.19
N VAL A 34 12.21 -5.57 10.83
CA VAL A 34 11.43 -6.32 11.82
C VAL A 34 12.20 -7.55 12.31
N TYR A 35 13.06 -8.08 11.45
CA TYR A 35 13.85 -9.26 11.80
C TYR A 35 14.96 -8.89 12.77
N GLN A 36 15.33 -7.61 12.80
CA GLN A 36 16.38 -7.13 13.67
C GLN A 36 15.79 -6.44 14.91
N HIS A 37 14.70 -5.72 14.71
CA HIS A 37 14.03 -5.02 15.79
C HIS A 37 13.17 -5.98 16.62
N GLN A 38 12.12 -6.50 15.99
CA GLN A 38 11.22 -7.43 16.66
C GLN A 38 11.98 -8.63 17.22
N LYS A 39 11.66 -9.00 18.46
CA LYS A 39 12.32 -10.13 19.11
C LYS A 39 11.59 -11.44 18.80
N LYS A 1 -20.49 19.29 -13.78
CA LYS A 1 -19.29 18.79 -13.12
C LYS A 1 -18.51 17.84 -14.03
N THR A 2 -17.24 17.65 -13.71
CA THR A 2 -16.38 16.76 -14.51
C THR A 2 -16.39 15.34 -13.96
N LYS A 3 -15.71 14.45 -14.66
CA LYS A 3 -15.63 13.04 -14.23
C LYS A 3 -14.37 12.78 -13.43
N LEU A 4 -13.92 13.80 -12.69
CA LEU A 4 -12.72 13.67 -11.87
C LEU A 4 -13.05 13.10 -10.50
N THR A 5 -14.20 13.49 -9.96
CA THR A 5 -14.63 13.02 -8.65
C THR A 5 -14.60 11.50 -8.59
N GLU A 6 -15.37 10.86 -9.47
CA GLU A 6 -15.43 9.40 -9.51
C GLU A 6 -14.03 8.79 -9.57
N GLU A 7 -13.22 9.31 -10.48
CA GLU A 7 -11.85 8.82 -10.65
C GLU A 7 -11.08 8.90 -9.33
N GLU A 8 -11.29 9.99 -8.60
CA GLU A 8 -10.61 10.17 -7.32
C GLU A 8 -10.76 8.95 -6.43
N LYS A 9 -12.00 8.51 -6.24
CA LYS A 9 -12.28 7.34 -5.41
C LYS A 9 -11.55 6.11 -5.95
N ASN A 10 -11.60 5.91 -7.25
CA ASN A 10 -10.94 4.78 -7.88
C ASN A 10 -9.47 4.71 -7.47
N ARG A 11 -8.86 5.87 -7.31
CA ARG A 11 -7.45 5.95 -6.92
C ARG A 11 -7.27 5.53 -5.47
N LEU A 12 -8.09 6.07 -4.59
CA LEU A 12 -8.02 5.76 -3.17
C LEU A 12 -7.97 4.25 -2.95
N ASN A 13 -8.94 3.53 -3.52
CA ASN A 13 -9.01 2.08 -3.38
C ASN A 13 -7.70 1.44 -3.85
N PHE A 14 -7.05 2.09 -4.81
CA PHE A 14 -5.79 1.58 -5.35
C PHE A 14 -4.68 1.62 -4.30
N LEU A 15 -4.26 2.82 -3.93
CA LEU A 15 -3.20 3.00 -2.94
C LEU A 15 -3.50 2.17 -1.70
N LYS A 16 -4.77 2.12 -1.31
CA LYS A 16 -5.19 1.35 -0.13
C LYS A 16 -4.77 -0.11 -0.26
N LYS A 17 -5.09 -0.72 -1.38
CA LYS A 17 -4.75 -2.11 -1.62
C LYS A 17 -3.27 -2.26 -1.98
N ILE A 18 -2.66 -1.15 -2.40
CA ILE A 18 -1.25 -1.16 -2.76
C ILE A 18 -0.36 -1.23 -1.53
N SER A 19 -0.63 -0.36 -0.56
CA SER A 19 0.16 -0.33 0.68
C SER A 19 -0.06 -1.60 1.49
N GLN A 20 -1.14 -2.31 1.19
CA GLN A 20 -1.47 -3.55 1.89
C GLN A 20 -0.92 -4.75 1.14
N ARG A 21 -1.09 -4.76 -0.18
CA ARG A 21 -0.61 -5.86 -1.01
C ARG A 21 0.91 -5.83 -1.13
N TYR A 22 1.46 -4.64 -1.35
CA TYR A 22 2.90 -4.47 -1.49
C TYR A 22 3.63 -5.00 -0.25
N GLN A 23 3.15 -4.62 0.92
CA GLN A 23 3.76 -5.06 2.17
C GLN A 23 3.16 -6.40 2.62
N LYS A 24 2.85 -7.25 1.66
CA LYS A 24 2.29 -8.56 1.96
C LYS A 24 3.05 -9.67 1.22
N PHE A 25 3.49 -9.35 0.01
CA PHE A 25 4.23 -10.32 -0.80
C PHE A 25 5.65 -9.83 -1.06
N ALA A 26 5.83 -8.52 -1.03
CA ALA A 26 7.14 -7.93 -1.27
C ALA A 26 8.03 -8.03 -0.02
N LEU A 27 7.68 -7.27 1.01
CA LEU A 27 8.45 -7.29 2.25
C LEU A 27 9.94 -7.10 1.99
N PRO A 28 10.29 -5.98 1.36
CA PRO A 28 11.68 -5.65 1.02
C PRO A 28 12.51 -5.33 2.27
N GLN A 29 11.89 -4.69 3.24
CA GLN A 29 12.56 -4.32 4.48
C GLN A 29 11.83 -4.88 5.69
N TYR A 30 10.63 -5.43 5.46
CA TYR A 30 9.82 -6.00 6.53
C TYR A 30 10.65 -6.93 7.40
N LEU A 31 11.18 -7.98 6.79
CA LEU A 31 12.00 -8.96 7.52
C LEU A 31 13.45 -8.51 7.58
N LYS A 32 13.68 -7.24 7.28
CA LYS A 32 15.03 -6.68 7.30
C LYS A 32 15.21 -5.75 8.49
N THR A 33 14.20 -4.93 8.76
CA THR A 33 14.24 -3.99 9.87
C THR A 33 13.53 -4.55 11.10
N VAL A 34 12.42 -5.25 10.86
CA VAL A 34 11.64 -5.84 11.95
C VAL A 34 12.36 -7.04 12.54
N TYR A 35 13.15 -7.73 11.72
CA TYR A 35 13.89 -8.90 12.17
C TYR A 35 15.07 -8.49 13.05
N GLN A 36 15.49 -7.24 12.90
CA GLN A 36 16.62 -6.73 13.69
C GLN A 36 16.12 -5.89 14.87
N HIS A 37 15.05 -5.13 14.63
CA HIS A 37 14.48 -4.27 15.66
C HIS A 37 13.61 -5.09 16.61
N GLN A 38 12.50 -5.61 16.08
CA GLN A 38 11.57 -6.41 16.88
C GLN A 38 12.29 -7.57 17.54
N LYS A 39 11.83 -7.96 18.73
CA LYS A 39 12.42 -9.07 19.47
C LYS A 39 13.91 -8.82 19.68
N LYS A 1 -18.15 19.34 -9.12
CA LYS A 1 -17.15 20.04 -9.91
C LYS A 1 -15.94 19.13 -10.17
N THR A 2 -15.41 19.19 -11.39
CA THR A 2 -14.26 18.37 -11.76
C THR A 2 -14.58 16.90 -11.67
N LYS A 3 -13.67 16.06 -12.17
CA LYS A 3 -13.86 14.61 -12.14
C LYS A 3 -12.72 13.93 -11.39
N LEU A 4 -12.12 14.66 -10.46
CA LEU A 4 -11.02 14.13 -9.66
C LEU A 4 -11.53 13.28 -8.52
N THR A 5 -12.69 13.66 -7.96
CA THR A 5 -13.29 12.93 -6.86
C THR A 5 -13.37 11.44 -7.17
N GLU A 6 -14.13 11.09 -8.21
CA GLU A 6 -14.29 9.70 -8.61
C GLU A 6 -12.93 9.02 -8.78
N GLU A 7 -12.04 9.67 -9.51
CA GLU A 7 -10.71 9.13 -9.75
C GLU A 7 -10.00 8.83 -8.43
N GLU A 8 -10.17 9.73 -7.46
CA GLU A 8 -9.54 9.57 -6.15
C GLU A 8 -9.85 8.18 -5.57
N LYS A 9 -11.13 7.85 -5.51
CA LYS A 9 -11.55 6.56 -4.98
C LYS A 9 -10.91 5.41 -5.74
N ASN A 10 -10.82 5.56 -7.06
CA ASN A 10 -10.22 4.54 -7.92
C ASN A 10 -8.78 4.28 -7.52
N ARG A 11 -8.18 5.25 -6.83
CA ARG A 11 -6.80 5.12 -6.38
C ARG A 11 -6.72 4.49 -4.99
N LEU A 12 -7.59 4.93 -4.10
CA LEU A 12 -7.62 4.40 -2.74
C LEU A 12 -7.61 2.88 -2.74
N ASN A 13 -8.64 2.28 -3.33
CA ASN A 13 -8.74 0.83 -3.40
C ASN A 13 -7.47 0.22 -4.01
N PHE A 14 -6.92 0.90 -5.01
CA PHE A 14 -5.71 0.43 -5.67
C PHE A 14 -4.57 0.26 -4.66
N LEU A 15 -4.05 1.38 -4.18
CA LEU A 15 -2.96 1.35 -3.20
C LEU A 15 -3.29 0.42 -2.04
N LYS A 16 -4.55 0.41 -1.64
CA LYS A 16 -5.00 -0.43 -0.54
C LYS A 16 -4.73 -1.91 -0.83
N LYS A 17 -5.15 -2.35 -2.01
CA LYS A 17 -4.94 -3.74 -2.41
C LYS A 17 -3.50 -3.98 -2.86
N ILE A 18 -2.80 -2.89 -3.16
CA ILE A 18 -1.41 -2.97 -3.60
C ILE A 18 -0.49 -3.32 -2.42
N SER A 19 -0.56 -2.50 -1.37
CA SER A 19 0.27 -2.71 -0.19
C SER A 19 -0.14 -4.00 0.53
N GLN A 20 -1.30 -4.54 0.16
CA GLN A 20 -1.79 -5.76 0.77
C GLN A 20 -1.40 -6.98 -0.06
N ARG A 21 -1.56 -6.89 -1.37
CA ARG A 21 -1.22 -7.98 -2.27
C ARG A 21 0.28 -8.07 -2.48
N TYR A 22 0.95 -6.91 -2.46
CA TYR A 22 2.39 -6.86 -2.65
C TYR A 22 3.13 -7.44 -1.45
N GLN A 23 2.75 -6.98 -0.26
CA GLN A 23 3.37 -7.46 0.97
C GLN A 23 2.87 -8.85 1.33
N LYS A 24 2.00 -9.39 0.49
CA LYS A 24 1.45 -10.72 0.71
C LYS A 24 2.38 -11.80 0.16
N PHE A 25 3.07 -11.47 -0.93
CA PHE A 25 3.99 -12.41 -1.56
C PHE A 25 5.37 -11.77 -1.74
N ALA A 26 5.48 -10.50 -1.37
CA ALA A 26 6.75 -9.79 -1.49
C ALA A 26 7.16 -9.17 -0.15
N LEU A 27 8.23 -9.70 0.43
CA LEU A 27 8.73 -9.21 1.71
C LEU A 27 10.20 -8.85 1.61
N PRO A 28 10.53 -7.96 0.67
CA PRO A 28 11.92 -7.50 0.46
C PRO A 28 12.42 -6.64 1.60
N GLN A 29 11.53 -5.84 2.18
CA GLN A 29 11.89 -4.96 3.29
C GLN A 29 11.01 -5.22 4.50
N TYR A 30 9.96 -6.02 4.31
CA TYR A 30 9.04 -6.34 5.38
C TYR A 30 9.80 -6.75 6.64
N LEU A 31 10.60 -7.81 6.52
CA LEU A 31 11.38 -8.30 7.66
C LEU A 31 12.72 -7.59 7.74
N LYS A 32 12.84 -6.48 7.03
CA LYS A 32 14.08 -5.71 7.02
C LYS A 32 13.91 -4.41 7.81
N THR A 33 12.78 -3.74 7.61
CA THR A 33 12.50 -2.49 8.30
C THR A 33 11.64 -2.72 9.54
N VAL A 34 10.67 -3.64 9.42
CA VAL A 34 9.79 -3.96 10.54
C VAL A 34 10.53 -4.74 11.62
N TYR A 35 11.52 -5.52 11.21
CA TYR A 35 12.30 -6.31 12.15
C TYR A 35 13.24 -5.43 12.97
N GLN A 36 13.53 -4.24 12.46
CA GLN A 36 14.40 -3.30 13.14
C GLN A 36 13.59 -2.21 13.85
N HIS A 37 12.51 -1.78 13.21
CA HIS A 37 11.64 -0.75 13.77
C HIS A 37 10.69 -1.34 14.81
N GLN A 38 9.78 -2.19 14.35
CA GLN A 38 8.82 -2.83 15.23
C GLN A 38 9.52 -3.55 16.38
N LYS A 39 9.03 -3.35 17.60
CA LYS A 39 9.61 -3.98 18.77
C LYS A 39 8.52 -4.51 19.70
#